data_2XUE
#
_entry.id   2XUE
#
_cell.length_a   61.215
_cell.length_b   65.154
_cell.length_c   77.462
_cell.angle_alpha   86.09
_cell.angle_beta   67.19
_cell.angle_gamma   68.26
#
_symmetry.space_group_name_H-M   'P 1'
#
loop_
_entity.id
_entity.type
_entity.pdbx_description
1 polymer 'LYSINE-SPECIFIC DEMETHYLASE 6B'
2 non-polymer 'ZINC ION'
3 non-polymer 'SULFATE ION'
4 non-polymer 'FE (III) ION'
5 non-polymer '2-OXOGLUTARIC ACID'
6 water water
#
_entity_poly.entity_id   1
_entity_poly.type   'polypeptide(L)'
_entity_poly.pdbx_seq_one_letter_code
;DVVRASRNAKVKGKFRESYLSPAQSVKPKINTEEKLPREKLNPPTPSIYLESKRDAFSPVLLQFCTDPRNPITVIRGLAG
SLRLNLGLFSTKTLVEASGEHTVEVRTQVQQPSDENWDLTGTRQIWPCESSRSHTTIAKYAQYQASSFQESLQEEKESED
EESEEPDSTTGTPPSSAPDPKNHHIIKFGTNIDLSDAKRWKPQLQELLKLPAFMRVTSTGNMLSHVGHTILGMNTVQLYM
KVPGSRTPGHQENNNFCSVNINIGPGDCEWFAVHEHYWETISAFCDRHGVDYLTGSWWPILDDLYASNIPVYRFVQRPGD
LVWINAGTVHWVQATGWCNNIAWNVGPLTAYQYQLALERYEWNEVKNVKSIVPMIHVSWNVARTVKISDPDLFKMIKFCL
LQSMKHCQVQRESLVRAGKKIAYQGRVKDEPAYYCNECDVEVFNILFVTSENGSRNTYLVHCEGCARRRSAGLQGVVVLE
QYRTEELAQAYDAFTLAPASTSRHHHHHH
;
_entity_poly.pdbx_strand_id   A,B
#
loop_
_chem_comp.id
_chem_comp.type
_chem_comp.name
_chem_comp.formula
AKG non-polymer '2-OXOGLUTARIC ACID' 'C5 H6 O5'
FE non-polymer 'FE (III) ION' 'Fe 3'
SO4 non-polymer 'SULFATE ION' 'O4 S -2'
ZN non-polymer 'ZINC ION' 'Zn 2'
#
# COMPACT_ATOMS: atom_id res chain seq x y z
N ARG A 38 -25.98 -16.66 -9.66
CA ARG A 38 -26.61 -16.42 -10.99
C ARG A 38 -26.49 -14.94 -11.38
N GLU A 39 -26.91 -14.06 -10.47
CA GLU A 39 -26.72 -12.62 -10.65
C GLU A 39 -25.27 -12.22 -10.39
N LYS A 40 -24.64 -12.87 -9.42
CA LYS A 40 -23.24 -12.58 -9.07
C LYS A 40 -22.27 -13.12 -10.12
N LEU A 41 -22.62 -14.21 -10.80
CA LEU A 41 -21.78 -14.77 -11.87
C LEU A 41 -21.91 -14.02 -13.20
N ASN A 42 -22.93 -13.16 -13.31
CA ASN A 42 -23.16 -12.34 -14.49
C ASN A 42 -23.29 -10.86 -14.11
N PRO A 43 -22.23 -10.29 -13.51
CA PRO A 43 -22.32 -8.92 -13.00
C PRO A 43 -22.53 -7.89 -14.10
N PRO A 44 -23.16 -6.75 -13.77
CA PRO A 44 -23.30 -5.71 -14.76
C PRO A 44 -21.96 -5.04 -15.01
N THR A 45 -21.78 -4.52 -16.22
CA THR A 45 -20.51 -3.91 -16.57
C THR A 45 -20.54 -2.42 -16.21
N PRO A 46 -19.47 -1.95 -15.54
CA PRO A 46 -19.37 -0.53 -15.22
C PRO A 46 -19.39 0.31 -16.49
N SER A 47 -20.37 1.20 -16.59
CA SER A 47 -20.60 2.00 -17.78
C SER A 47 -20.72 3.48 -17.41
N ILE A 48 -20.38 4.34 -18.35
CA ILE A 48 -20.38 5.77 -18.15
C ILE A 48 -20.84 6.44 -19.44
N TYR A 49 -21.70 7.46 -19.33
CA TYR A 49 -21.91 8.39 -20.45
C TYR A 49 -21.42 9.78 -20.07
N LEU A 50 -20.59 10.37 -20.93
CA LEU A 50 -20.11 11.73 -20.72
C LEU A 50 -21.06 12.70 -21.43
N GLU A 51 -21.74 13.55 -20.66
CA GLU A 51 -22.70 14.51 -21.25
C GLU A 51 -21.98 15.66 -21.99
N SER A 52 -20.75 15.95 -21.60
CA SER A 52 -19.96 17.03 -22.20
C SER A 52 -18.46 16.71 -22.23
N LYS A 53 -17.68 17.59 -22.86
CA LYS A 53 -16.21 17.49 -22.84
C LYS A 53 -15.64 17.66 -21.43
N ARG A 54 -16.34 18.44 -20.60
CA ARG A 54 -15.89 18.75 -19.24
C ARG A 54 -15.98 17.53 -18.31
N ASP A 55 -16.97 16.68 -18.54
CA ASP A 55 -17.14 15.43 -17.79
C ASP A 55 -15.93 14.49 -17.98
N ALA A 56 -15.42 14.41 -19.20
CA ALA A 56 -14.31 13.52 -19.52
C ALA A 56 -13.00 13.92 -18.83
N PHE A 57 -12.86 15.20 -18.51
CA PHE A 57 -11.64 15.70 -17.88
C PHE A 57 -11.78 15.81 -16.35
N SER A 58 -12.88 15.29 -15.82
CA SER A 58 -13.08 15.20 -14.37
C SER A 58 -12.13 14.17 -13.74
N PRO A 59 -11.53 14.51 -12.58
CA PRO A 59 -10.78 13.50 -11.82
C PRO A 59 -11.61 12.31 -11.29
N VAL A 60 -12.93 12.46 -11.24
CA VAL A 60 -13.81 11.36 -10.86
C VAL A 60 -13.77 10.21 -11.89
N LEU A 61 -13.57 10.56 -13.15
CA LEU A 61 -13.47 9.56 -14.21
C LEU A 61 -12.23 8.70 -14.02
N LEU A 62 -11.10 9.34 -13.75
CA LEU A 62 -9.85 8.63 -13.45
C LEU A 62 -10.02 7.68 -12.25
N GLN A 63 -10.64 8.20 -11.20
CA GLN A 63 -10.92 7.45 -9.98
C GLN A 63 -11.74 6.18 -10.24
N PHE A 64 -12.81 6.33 -11.03
CA PHE A 64 -13.69 5.22 -11.36
C PHE A 64 -13.00 4.14 -12.21
N CYS A 65 -12.21 4.56 -13.20
CA CYS A 65 -11.58 3.63 -14.14
C CYS A 65 -10.41 2.84 -13.54
N THR A 66 -9.70 3.45 -12.60
CA THR A 66 -8.53 2.83 -11.99
C THR A 66 -8.88 2.07 -10.71
N ASP A 67 -10.11 2.23 -10.23
CA ASP A 67 -10.58 1.56 -9.01
C ASP A 67 -10.39 0.05 -9.15
N PRO A 68 -9.67 -0.59 -8.20
CA PRO A 68 -9.47 -2.04 -8.23
C PRO A 68 -10.74 -2.89 -8.26
N ARG A 69 -11.90 -2.30 -7.93
CA ARG A 69 -13.19 -2.99 -7.98
C ARG A 69 -13.85 -2.97 -9.37
N ASN A 70 -13.40 -2.08 -10.26
CA ASN A 70 -13.91 -2.02 -11.61
C ASN A 70 -12.86 -2.60 -12.56
N PRO A 71 -12.92 -3.93 -12.81
CA PRO A 71 -11.90 -4.57 -13.65
C PRO A 71 -11.93 -4.08 -15.09
N ILE A 72 -13.06 -3.57 -15.53
CA ILE A 72 -13.22 -3.11 -16.89
C ILE A 72 -14.31 -2.03 -16.93
N THR A 73 -14.09 -0.96 -17.70
CA THR A 73 -15.08 0.13 -17.84
C THR A 73 -15.35 0.44 -19.31
N VAL A 74 -16.63 0.59 -19.66
CA VAL A 74 -17.01 1.02 -21.00
C VAL A 74 -17.56 2.45 -20.96
N ILE A 75 -16.95 3.34 -21.74
CA ILE A 75 -17.38 4.74 -21.80
C ILE A 75 -18.17 4.92 -23.08
N ARG A 76 -19.50 4.99 -22.92
CA ARG A 76 -20.39 5.06 -24.05
C ARG A 76 -20.35 6.44 -24.69
N GLY A 77 -20.21 6.48 -26.02
CA GLY A 77 -20.25 7.74 -26.75
C GLY A 77 -19.08 8.68 -26.49
N LEU A 78 -17.95 8.12 -26.08
CA LEU A 78 -16.75 8.92 -25.85
C LEU A 78 -16.33 9.68 -27.10
N ALA A 79 -16.29 9.01 -28.25
CA ALA A 79 -15.89 9.67 -29.51
C ALA A 79 -16.74 10.90 -29.75
N GLY A 80 -18.07 10.74 -29.65
CA GLY A 80 -19.01 11.85 -29.76
C GLY A 80 -18.80 12.96 -28.74
N SER A 81 -18.70 12.60 -27.46
CA SER A 81 -18.55 13.62 -26.40
C SER A 81 -17.28 14.45 -26.54
N LEU A 82 -16.23 13.84 -27.09
CA LEU A 82 -14.94 14.51 -27.28
C LEU A 82 -14.74 15.05 -28.70
N ARG A 83 -15.72 14.81 -29.58
CA ARG A 83 -15.62 15.21 -30.99
C ARG A 83 -14.36 14.64 -31.65
N LEU A 84 -14.13 13.35 -31.39
CA LEU A 84 -13.05 12.62 -32.04
C LEU A 84 -13.50 12.31 -33.44
N ASN A 85 -12.65 12.65 -34.41
CA ASN A 85 -12.88 12.29 -35.80
C ASN A 85 -12.50 10.83 -36.04
N LEU A 86 -13.45 9.92 -35.78
CA LEU A 86 -13.26 8.48 -36.02
C LEU A 86 -13.07 8.12 -37.50
N GLY A 87 -13.58 8.98 -38.39
CA GLY A 87 -13.33 8.88 -39.83
C GLY A 87 -11.86 8.80 -40.22
N LEU A 88 -10.97 9.37 -39.40
CA LEU A 88 -9.54 9.27 -39.62
C LEU A 88 -8.97 7.84 -39.50
N PHE A 89 -9.74 6.93 -38.88
CA PHE A 89 -9.32 5.53 -38.71
C PHE A 89 -10.23 4.60 -39.50
N SER A 90 -11.05 5.18 -40.38
CA SER A 90 -11.92 4.38 -41.25
C SER A 90 -11.02 3.65 -42.25
N THR A 91 -11.52 2.53 -42.76
CA THR A 91 -10.74 1.71 -43.67
C THR A 91 -10.31 2.50 -44.92
N LYS A 92 -11.21 3.30 -45.47
CA LYS A 92 -10.91 4.15 -46.63
C LYS A 92 -9.75 5.11 -46.40
N THR A 93 -9.76 5.78 -45.25
CA THR A 93 -8.71 6.74 -44.89
C THR A 93 -7.37 6.04 -44.63
N LEU A 94 -7.41 4.84 -44.03
CA LEU A 94 -6.19 4.07 -43.75
C LEU A 94 -5.49 3.58 -45.02
N VAL A 95 -6.26 3.08 -45.97
CA VAL A 95 -5.75 2.68 -47.27
C VAL A 95 -5.10 3.87 -47.97
N GLU A 96 -5.76 5.02 -47.90
CA GLU A 96 -5.23 6.26 -48.49
C GLU A 96 -3.94 6.69 -47.81
N ALA A 97 -3.88 6.55 -46.48
CA ALA A 97 -2.70 6.92 -45.72
C ALA A 97 -1.52 5.99 -45.98
N SER A 98 -1.76 4.67 -45.96
CA SER A 98 -0.68 3.69 -46.15
C SER A 98 -1.21 2.30 -46.51
N GLY A 99 -1.66 2.16 -47.76
CA GLY A 99 -2.25 0.91 -48.24
C GLY A 99 -1.31 -0.28 -48.29
N GLU A 100 -0.03 -0.03 -48.54
CA GLU A 100 0.99 -1.10 -48.57
C GLU A 100 1.57 -1.42 -47.19
N HIS A 101 1.02 -0.83 -46.14
CA HIS A 101 1.46 -1.08 -44.77
C HIS A 101 1.19 -2.54 -44.36
N THR A 102 2.11 -3.15 -43.63
CA THR A 102 1.98 -4.57 -43.25
C THR A 102 0.85 -4.83 -42.24
N VAL A 103 0.09 -5.89 -42.51
CA VAL A 103 -0.95 -6.38 -41.60
C VAL A 103 -0.69 -7.85 -41.28
N GLU A 104 -0.52 -8.15 -39.99
CA GLU A 104 -0.47 -9.54 -39.53
C GLU A 104 -1.89 -10.10 -39.58
N VAL A 105 -2.07 -11.17 -40.34
CA VAL A 105 -3.38 -11.79 -40.51
C VAL A 105 -3.43 -13.06 -39.70
N ARG A 106 -4.54 -13.23 -38.97
CA ARG A 106 -4.88 -14.48 -38.29
C ARG A 106 -6.04 -15.13 -39.02
N THR A 107 -5.82 -16.35 -39.52
CA THR A 107 -6.88 -17.15 -40.13
C THR A 107 -7.56 -18.01 -39.06
N GLN A 108 -8.89 -17.94 -39.00
CA GLN A 108 -9.67 -18.55 -37.93
C GLN A 108 -10.98 -19.14 -38.47
N VAL A 109 -11.48 -20.17 -37.79
CA VAL A 109 -12.84 -20.67 -38.03
C VAL A 109 -13.84 -19.72 -37.37
N GLN A 110 -14.83 -19.27 -38.11
CA GLN A 110 -15.88 -18.40 -37.57
C GLN A 110 -16.82 -19.22 -36.69
N GLN A 111 -16.99 -18.78 -35.45
CA GLN A 111 -17.95 -19.44 -34.55
C GLN A 111 -18.59 -18.45 -33.56
N PRO A 112 -19.73 -18.83 -32.96
CA PRO A 112 -20.36 -17.98 -31.93
C PRO A 112 -19.38 -17.57 -30.83
N SER A 113 -19.57 -16.40 -30.25
CA SER A 113 -18.61 -15.84 -29.30
C SER A 113 -18.53 -16.65 -27.99
N ASP A 114 -19.56 -17.42 -27.69
CA ASP A 114 -19.55 -18.27 -26.50
C ASP A 114 -19.22 -19.74 -26.81
N GLU A 115 -18.55 -19.98 -27.94
CA GLU A 115 -18.20 -21.34 -28.36
C GLU A 115 -16.80 -21.42 -28.96
N ASN A 116 -16.12 -22.53 -28.68
CA ASN A 116 -14.86 -22.85 -29.33
C ASN A 116 -14.78 -24.36 -29.48
N TRP A 117 -15.07 -24.87 -30.67
CA TRP A 117 -15.23 -26.30 -30.89
C TRP A 117 -13.93 -26.99 -31.23
N ASP A 118 -13.84 -28.27 -30.89
CA ASP A 118 -12.74 -29.10 -31.37
C ASP A 118 -12.95 -29.39 -32.86
N LEU A 119 -11.94 -30.01 -33.48
CA LEU A 119 -11.97 -30.28 -34.92
C LEU A 119 -13.14 -31.15 -35.37
N THR A 120 -13.57 -32.09 -34.52
CA THR A 120 -14.69 -32.98 -34.85
C THR A 120 -16.06 -32.32 -34.68
N GLY A 121 -16.11 -31.18 -33.99
CA GLY A 121 -17.36 -30.46 -33.75
C GLY A 121 -18.27 -31.09 -32.71
N THR A 122 -17.70 -31.83 -31.77
CA THR A 122 -18.49 -32.52 -30.75
C THR A 122 -18.27 -31.99 -29.33
N ARG A 123 -17.23 -31.18 -29.16
CA ARG A 123 -16.72 -30.84 -27.84
C ARG A 123 -16.21 -29.40 -27.82
N GLN A 124 -16.41 -28.72 -26.70
CA GLN A 124 -15.82 -27.40 -26.49
C GLN A 124 -14.39 -27.62 -26.00
N ILE A 125 -13.46 -26.79 -26.48
CA ILE A 125 -12.06 -26.86 -26.07
C ILE A 125 -11.50 -25.48 -25.79
N TRP A 126 -10.42 -25.43 -25.00
CA TRP A 126 -9.77 -24.19 -24.62
C TRP A 126 -8.79 -23.65 -25.68
N PRO A 127 -7.95 -24.51 -26.27
CA PRO A 127 -7.02 -24.02 -27.30
C PRO A 127 -7.74 -23.38 -28.48
N CYS A 128 -7.24 -22.22 -28.90
CA CYS A 128 -7.86 -21.44 -29.98
C CYS A 128 -6.82 -21.17 -31.05
N GLU A 129 -6.67 -22.08 -31.99
CA GLU A 129 -5.53 -22.04 -32.90
C GLU A 129 -5.79 -21.19 -34.13
N SER A 130 -4.80 -20.36 -34.48
CA SER A 130 -4.86 -19.47 -35.64
C SER A 130 -3.59 -19.57 -36.47
N SER A 131 -3.74 -19.70 -37.78
CA SER A 131 -2.60 -19.56 -38.68
C SER A 131 -2.21 -18.09 -38.77
N ARG A 132 -0.90 -17.81 -38.59
CA ARG A 132 -0.35 -16.47 -38.80
C ARG A 132 0.04 -16.31 -40.26
N SER A 133 -0.09 -15.09 -40.78
CA SER A 133 0.41 -14.73 -42.11
C SER A 133 0.41 -13.22 -42.24
N HIS A 134 0.87 -12.70 -43.38
CA HIS A 134 0.99 -11.25 -43.54
C HIS A 134 0.42 -10.78 -44.86
N THR A 135 -0.30 -9.65 -44.81
CA THR A 135 -0.85 -9.00 -45.99
C THR A 135 -0.62 -7.49 -45.88
N THR A 136 -1.32 -6.72 -46.69
CA THR A 136 -1.28 -5.27 -46.62
C THR A 136 -2.65 -4.74 -46.21
N ILE A 137 -2.68 -3.46 -45.83
CA ILE A 137 -3.93 -2.79 -45.46
C ILE A 137 -4.90 -2.72 -46.62
N ALA A 138 -4.39 -2.41 -47.81
CA ALA A 138 -5.20 -2.36 -49.01
C ALA A 138 -5.93 -3.69 -49.25
N LYS A 139 -5.20 -4.79 -49.09
CA LYS A 139 -5.73 -6.11 -49.37
C LYS A 139 -6.72 -6.55 -48.33
N TYR A 140 -6.39 -6.35 -47.05
CA TYR A 140 -7.36 -6.62 -46.00
C TYR A 140 -8.60 -5.73 -46.18
N ALA A 141 -8.40 -4.47 -46.52
CA ALA A 141 -9.53 -3.54 -46.76
C ALA A 141 -10.50 -4.08 -47.80
N GLN A 142 -9.97 -4.61 -48.89
CA GLN A 142 -10.79 -5.12 -49.98
C GLN A 142 -11.59 -6.34 -49.49
N TYR A 143 -10.93 -7.21 -48.75
CA TYR A 143 -11.59 -8.38 -48.17
C TYR A 143 -12.69 -7.97 -47.20
N GLN A 144 -12.39 -6.98 -46.37
CA GLN A 144 -13.35 -6.43 -45.41
C GLN A 144 -14.56 -5.84 -46.14
N ALA A 145 -14.32 -5.07 -47.19
CA ALA A 145 -15.41 -4.40 -47.95
C ALA A 145 -16.24 -5.38 -48.75
N SER A 146 -15.58 -6.33 -49.41
CA SER A 146 -16.26 -7.33 -50.23
C SER A 146 -17.05 -8.32 -49.36
N SER A 147 -16.45 -8.72 -48.25
CA SER A 147 -17.11 -9.55 -47.24
C SER A 147 -18.45 -8.93 -46.82
N PHE A 148 -18.44 -7.62 -46.55
CA PHE A 148 -19.64 -6.91 -46.12
C PHE A 148 -20.75 -6.87 -47.17
N GLN A 149 -20.39 -6.66 -48.44
CA GLN A 149 -21.37 -6.62 -49.53
C GLN A 149 -21.96 -8.01 -49.77
N GLU A 150 -21.09 -9.02 -49.81
CA GLU A 150 -21.52 -10.42 -49.96
C GLU A 150 -22.57 -10.84 -48.93
N SER A 151 -22.58 -10.18 -47.77
CA SER A 151 -23.64 -10.38 -46.78
C SER A 151 -24.96 -9.74 -47.21
N LEU A 152 -24.89 -8.51 -47.71
CA LEU A 152 -26.06 -7.81 -48.23
C LEU A 152 -26.47 -8.35 -49.61
N HIS A 184 -16.61 -22.41 -41.87
CA HIS A 184 -16.49 -21.07 -42.44
C HIS A 184 -15.25 -20.36 -41.88
N ILE A 185 -14.28 -20.10 -42.76
CA ILE A 185 -12.99 -19.54 -42.36
C ILE A 185 -12.95 -18.04 -42.62
N ILE A 186 -12.42 -17.30 -41.66
CA ILE A 186 -12.27 -15.84 -41.80
C ILE A 186 -10.83 -15.42 -41.55
N LYS A 187 -10.55 -14.14 -41.79
CA LYS A 187 -9.22 -13.58 -41.57
C LYS A 187 -9.35 -12.32 -40.74
N PHE A 188 -8.48 -12.21 -39.73
CA PHE A 188 -8.49 -11.12 -38.77
C PHE A 188 -7.18 -10.35 -38.89
N GLY A 189 -7.29 -9.07 -39.23
CA GLY A 189 -6.14 -8.16 -39.35
C GLY A 189 -5.75 -7.57 -38.01
N THR A 190 -4.59 -7.97 -37.52
CA THR A 190 -4.25 -7.73 -36.14
C THR A 190 -2.90 -7.04 -35.99
N ASN A 191 -2.74 -6.32 -34.88
CA ASN A 191 -1.46 -5.72 -34.48
C ASN A 191 -0.81 -4.86 -35.55
N ILE A 192 -1.62 -4.02 -36.17
CA ILE A 192 -1.14 -3.14 -37.22
C ILE A 192 -0.49 -1.94 -36.52
N ASP A 193 0.73 -1.64 -36.93
CA ASP A 193 1.60 -0.71 -36.24
C ASP A 193 1.34 0.74 -36.64
N LEU A 194 0.81 1.56 -35.73
CA LEU A 194 0.65 2.99 -36.04
C LEU A 194 1.68 3.89 -35.34
N SER A 195 2.91 3.40 -35.22
CA SER A 195 3.96 4.12 -34.49
C SER A 195 4.63 5.26 -35.27
N ASP A 196 4.73 5.13 -36.60
CA ASP A 196 5.40 6.14 -37.43
C ASP A 196 4.62 7.46 -37.37
N ALA A 197 5.16 8.43 -36.66
CA ALA A 197 4.48 9.70 -36.37
C ALA A 197 4.15 10.49 -37.63
N LYS A 198 5.06 10.47 -38.60
CA LYS A 198 4.86 11.17 -39.88
C LYS A 198 3.80 10.53 -40.76
N ARG A 199 3.76 9.20 -40.78
CA ARG A 199 2.82 8.43 -41.61
C ARG A 199 1.38 8.55 -41.09
N TRP A 200 1.23 8.72 -39.78
CA TRP A 200 -0.05 8.69 -39.11
C TRP A 200 -0.32 9.95 -38.29
N LYS A 201 0.26 11.08 -38.71
CA LYS A 201 0.16 12.35 -37.98
C LYS A 201 -1.28 12.78 -37.65
N PRO A 202 -2.18 12.88 -38.65
CA PRO A 202 -3.54 13.30 -38.27
C PRO A 202 -4.26 12.32 -37.34
N GLN A 203 -3.97 11.03 -37.47
CA GLN A 203 -4.56 10.02 -36.58
C GLN A 203 -4.10 10.20 -35.13
N LEU A 204 -2.79 10.28 -34.95
CA LEU A 204 -2.21 10.38 -33.62
C LEU A 204 -2.55 11.70 -32.94
N GLN A 205 -2.66 12.79 -33.71
CA GLN A 205 -3.04 14.09 -33.16
C GLN A 205 -4.47 14.08 -32.61
N GLU A 206 -5.33 13.29 -33.25
CA GLU A 206 -6.72 13.16 -32.84
C GLU A 206 -6.85 12.61 -31.43
N LEU A 207 -5.92 11.72 -31.05
CA LEU A 207 -5.93 11.09 -29.73
C LEU A 207 -5.39 12.01 -28.63
N LEU A 208 -4.88 13.18 -29.00
CA LEU A 208 -4.54 14.21 -28.02
C LEU A 208 -5.79 14.83 -27.37
N LYS A 209 -6.97 14.61 -27.96
CA LYS A 209 -8.23 15.12 -27.41
C LYS A 209 -8.72 14.33 -26.20
N LEU A 210 -8.14 13.16 -25.98
CA LEU A 210 -8.48 12.34 -24.81
C LEU A 210 -7.98 13.00 -23.53
N PRO A 211 -8.67 12.73 -22.39
CA PRO A 211 -8.14 13.17 -21.10
C PRO A 211 -6.78 12.55 -20.82
N ALA A 212 -5.93 13.29 -20.12
CA ALA A 212 -4.51 12.95 -19.99
C ALA A 212 -4.26 11.48 -19.66
N PHE A 213 -4.98 10.94 -18.68
CA PHE A 213 -4.68 9.58 -18.21
C PHE A 213 -4.91 8.48 -19.26
N MET A 214 -5.66 8.79 -20.32
CA MET A 214 -5.91 7.84 -21.39
C MET A 214 -5.01 8.04 -22.62
N ARG A 215 -4.25 9.13 -22.65
CA ARG A 215 -3.39 9.42 -23.79
C ARG A 215 -2.26 8.41 -23.91
N VAL A 216 -1.74 8.29 -25.12
CA VAL A 216 -0.62 7.42 -25.41
C VAL A 216 0.61 7.86 -24.62
N THR A 217 0.84 9.17 -24.56
CA THR A 217 1.92 9.79 -23.79
C THR A 217 1.37 10.71 -22.71
N SER A 218 1.87 10.58 -21.49
CA SER A 218 1.43 11.41 -20.37
C SER A 218 2.46 11.37 -19.24
N THR A 219 2.53 12.40 -18.40
CA THR A 219 3.53 12.41 -17.31
C THR A 219 3.17 11.39 -16.21
N GLY A 220 1.88 11.12 -16.03
CA GLY A 220 1.44 10.12 -15.04
C GLY A 220 1.32 8.68 -15.56
N ASN A 221 1.82 8.42 -16.77
CA ASN A 221 1.80 7.10 -17.38
C ASN A 221 3.24 6.54 -17.37
N MET A 222 3.44 5.43 -16.67
CA MET A 222 4.77 4.80 -16.57
C MET A 222 5.44 4.52 -17.92
N LEU A 223 4.63 4.15 -18.91
CA LEU A 223 5.15 3.85 -20.25
C LEU A 223 5.74 5.08 -20.94
N SER A 224 5.38 6.27 -20.47
CA SER A 224 5.98 7.52 -20.96
C SER A 224 7.33 7.86 -20.30
N HIS A 225 7.77 7.03 -19.36
CA HIS A 225 9.08 7.20 -18.73
C HIS A 225 10.04 6.07 -19.09
N VAL A 226 9.68 5.26 -20.08
CA VAL A 226 10.59 4.22 -20.57
C VAL A 226 11.79 4.90 -21.24
N GLY A 227 11.53 5.96 -22.00
CA GLY A 227 12.57 6.71 -22.70
C GLY A 227 12.80 6.25 -24.13
N HIS A 228 12.04 5.25 -24.56
CA HIS A 228 12.12 4.73 -25.92
C HIS A 228 10.86 3.94 -26.25
N THR A 229 10.70 3.54 -27.50
CA THR A 229 9.49 2.90 -27.95
C THR A 229 9.38 1.45 -27.50
N ILE A 230 8.18 1.07 -27.05
CA ILE A 230 7.81 -0.32 -26.85
C ILE A 230 6.59 -0.57 -27.75
N LEU A 231 6.81 -1.22 -28.89
CA LEU A 231 5.77 -1.35 -29.93
C LEU A 231 4.51 -1.98 -29.35
N GLY A 232 3.38 -1.30 -29.54
CA GLY A 232 2.08 -1.80 -29.09
C GLY A 232 1.68 -1.41 -27.67
N MET A 233 2.62 -0.86 -26.91
CA MET A 233 2.33 -0.43 -25.54
C MET A 233 2.25 1.09 -25.52
N ASN A 234 3.39 1.78 -25.66
CA ASN A 234 3.38 3.24 -25.80
C ASN A 234 3.37 3.70 -27.26
N THR A 235 2.83 2.84 -28.13
CA THR A 235 2.43 3.22 -29.48
C THR A 235 1.10 2.56 -29.79
N VAL A 236 0.35 3.15 -30.73
CA VAL A 236 -0.99 2.70 -31.04
C VAL A 236 -0.97 1.50 -31.98
N GLN A 237 -1.89 0.56 -31.74
CA GLN A 237 -2.11 -0.56 -32.62
C GLN A 237 -3.51 -0.52 -33.20
N LEU A 238 -3.62 -0.90 -34.48
CA LEU A 238 -4.89 -0.99 -35.18
C LEU A 238 -5.30 -2.45 -35.44
N TYR A 239 -6.60 -2.73 -35.29
CA TYR A 239 -7.18 -4.04 -35.60
C TYR A 239 -8.29 -3.82 -36.62
N MET A 240 -8.23 -4.56 -37.73
CA MET A 240 -9.26 -4.50 -38.78
C MET A 240 -9.97 -5.84 -38.76
N LYS A 241 -11.30 -5.82 -38.63
CA LYS A 241 -12.05 -7.02 -38.30
C LYS A 241 -13.23 -7.31 -39.23
N VAL A 242 -13.54 -8.59 -39.34
CA VAL A 242 -14.79 -9.08 -39.91
C VAL A 242 -15.47 -9.92 -38.84
N PRO A 243 -16.78 -10.22 -39.00
CA PRO A 243 -17.47 -10.94 -37.91
C PRO A 243 -16.83 -12.28 -37.60
N GLY A 244 -16.69 -12.57 -36.31
CA GLY A 244 -15.99 -13.78 -35.85
C GLY A 244 -14.54 -13.57 -35.48
N SER A 245 -13.95 -12.44 -35.88
CA SER A 245 -12.54 -12.14 -35.59
C SER A 245 -12.28 -12.09 -34.08
N ARG A 246 -11.40 -12.97 -33.61
CA ARG A 246 -11.20 -13.21 -32.19
C ARG A 246 -9.84 -12.80 -31.67
N THR A 247 -9.83 -12.13 -30.53
CA THR A 247 -8.63 -11.90 -29.75
C THR A 247 -8.71 -12.81 -28.53
N PRO A 248 -7.85 -13.84 -28.48
CA PRO A 248 -7.93 -14.82 -27.40
C PRO A 248 -7.54 -14.25 -26.03
N GLY A 249 -7.76 -15.07 -24.99
CA GLY A 249 -7.59 -14.64 -23.63
C GLY A 249 -6.18 -14.22 -23.28
N HIS A 250 -6.07 -13.12 -22.55
CA HIS A 250 -4.78 -12.66 -22.05
C HIS A 250 -4.96 -11.67 -20.92
N GLN A 251 -3.88 -11.50 -20.16
CA GLN A 251 -3.61 -10.26 -19.44
C GLN A 251 -2.62 -9.46 -20.28
N GLU A 252 -2.68 -8.14 -20.15
CA GLU A 252 -1.75 -7.27 -20.84
C GLU A 252 -0.33 -7.55 -20.38
N ASN A 253 0.63 -7.21 -21.23
CA ASN A 253 2.05 -7.26 -20.83
C ASN A 253 2.25 -6.57 -19.48
N ASN A 254 2.90 -7.27 -18.58
CA ASN A 254 3.18 -6.78 -17.23
C ASN A 254 1.97 -6.18 -16.52
N ASN A 255 0.79 -6.73 -16.80
CA ASN A 255 -0.45 -6.31 -16.17
C ASN A 255 -0.84 -4.83 -16.32
N PHE A 256 -0.37 -4.18 -17.39
CA PHE A 256 -0.69 -2.77 -17.58
C PHE A 256 -2.14 -2.57 -18.05
N CYS A 257 -2.67 -1.38 -17.77
CA CYS A 257 -4.00 -1.02 -18.21
C CYS A 257 -4.03 -0.89 -19.73
N SER A 258 -5.22 -1.04 -20.31
CA SER A 258 -5.35 -0.95 -21.76
C SER A 258 -6.51 -0.04 -22.12
N VAL A 259 -6.39 0.61 -23.26
CA VAL A 259 -7.41 1.50 -23.80
C VAL A 259 -7.73 0.99 -25.20
N ASN A 260 -9.01 0.82 -25.49
CA ASN A 260 -9.48 0.35 -26.79
C ASN A 260 -10.68 1.18 -27.29
N ILE A 261 -10.59 1.69 -28.51
CA ILE A 261 -11.72 2.43 -29.09
C ILE A 261 -12.23 1.73 -30.34
N ASN A 262 -13.53 1.55 -30.42
CA ASN A 262 -14.15 0.91 -31.56
C ASN A 262 -14.44 2.01 -32.59
N ILE A 263 -13.80 1.92 -33.74
CA ILE A 263 -14.04 2.84 -34.84
C ILE A 263 -15.35 2.48 -35.53
N GLY A 264 -15.60 1.18 -35.58
CA GLY A 264 -16.82 0.59 -36.12
C GLY A 264 -16.82 0.63 -37.62
N PRO A 265 -17.81 -0.01 -38.22
CA PRO A 265 -19.17 0.50 -38.19
C PRO A 265 -19.95 -0.50 -37.29
N GLY A 266 -19.34 -1.66 -37.03
CA GLY A 266 -19.97 -2.74 -36.25
C GLY A 266 -19.55 -2.84 -34.80
N ASP A 267 -20.08 -3.84 -34.10
CA ASP A 267 -19.83 -4.04 -32.66
C ASP A 267 -18.78 -5.09 -32.35
N CYS A 268 -18.24 -5.01 -31.12
CA CYS A 268 -17.39 -6.04 -30.54
C CYS A 268 -18.02 -6.54 -29.26
N GLU A 269 -17.90 -7.84 -29.03
CA GLU A 269 -18.35 -8.45 -27.80
C GLU A 269 -17.11 -8.73 -26.95
N TRP A 270 -17.16 -8.30 -25.69
CA TRP A 270 -16.06 -8.42 -24.73
C TRP A 270 -16.40 -9.35 -23.57
N PHE A 271 -15.40 -10.09 -23.10
CA PHE A 271 -15.52 -10.95 -21.94
C PHE A 271 -14.36 -10.62 -21.03
N ALA A 272 -14.60 -10.53 -19.72
CA ALA A 272 -13.56 -10.15 -18.79
C ALA A 272 -13.75 -10.80 -17.42
N VAL A 273 -12.62 -11.14 -16.80
CA VAL A 273 -12.58 -11.66 -15.45
C VAL A 273 -11.59 -10.81 -14.66
N HIS A 274 -11.91 -10.57 -13.39
CA HIS A 274 -11.10 -9.78 -12.48
C HIS A 274 -9.73 -10.44 -12.28
N GLU A 275 -8.69 -9.62 -12.14
CA GLU A 275 -7.32 -10.08 -11.86
C GLU A 275 -7.23 -11.15 -10.76
N HIS A 276 -8.07 -11.03 -9.75
CA HIS A 276 -8.05 -11.94 -8.59
C HIS A 276 -8.13 -13.42 -8.97
N TYR A 277 -8.79 -13.72 -10.09
CA TYR A 277 -9.03 -15.10 -10.55
C TYR A 277 -8.01 -15.63 -11.56
N TRP A 278 -6.95 -14.88 -11.85
CA TRP A 278 -6.06 -15.25 -12.96
C TRP A 278 -5.36 -16.61 -12.78
N GLU A 279 -5.02 -16.97 -11.55
CA GLU A 279 -4.33 -18.24 -11.29
C GLU A 279 -5.24 -19.43 -11.56
N THR A 280 -6.53 -19.26 -11.34
CA THR A 280 -7.49 -20.31 -11.66
C THR A 280 -7.59 -20.46 -13.17
N ILE A 281 -7.52 -19.34 -13.90
CA ILE A 281 -7.57 -19.39 -15.37
C ILE A 281 -6.29 -20.01 -15.92
N SER A 282 -5.17 -19.66 -15.29
CA SER A 282 -3.90 -20.28 -15.61
C SER A 282 -3.93 -21.81 -15.42
N ALA A 283 -4.49 -22.27 -14.30
CA ALA A 283 -4.64 -23.70 -14.04
C ALA A 283 -5.50 -24.40 -15.12
N PHE A 284 -6.56 -23.75 -15.59
CA PHE A 284 -7.37 -24.32 -16.67
C PHE A 284 -6.56 -24.50 -17.94
N CYS A 285 -5.78 -23.50 -18.30
CA CYS A 285 -4.95 -23.56 -19.50
C CYS A 285 -3.98 -24.74 -19.43
N ASP A 286 -3.31 -24.90 -18.28
CA ASP A 286 -2.39 -26.02 -18.06
C ASP A 286 -3.13 -27.37 -18.15
N ARG A 287 -4.31 -27.42 -17.54
CA ARG A 287 -5.16 -28.61 -17.56
C ARG A 287 -5.61 -28.93 -18.99
N HIS A 288 -5.80 -27.89 -19.79
CA HIS A 288 -6.27 -28.07 -21.16
C HIS A 288 -5.18 -27.96 -22.24
N GLY A 289 -3.92 -27.99 -21.83
CA GLY A 289 -2.80 -28.18 -22.77
C GLY A 289 -2.30 -26.97 -23.53
N VAL A 290 -2.49 -25.78 -22.99
CA VAL A 290 -2.06 -24.55 -23.65
C VAL A 290 -1.36 -23.64 -22.64
N ASP A 291 -0.37 -22.89 -23.11
CA ASP A 291 0.37 -21.95 -22.25
C ASP A 291 -0.49 -20.74 -21.89
N TYR A 292 -0.69 -20.49 -20.60
CA TYR A 292 -1.48 -19.34 -20.15
C TYR A 292 -0.89 -18.00 -20.60
N LEU A 293 0.40 -17.80 -20.31
CA LEU A 293 1.08 -16.53 -20.56
C LEU A 293 1.25 -16.21 -22.03
N THR A 294 1.58 -17.22 -22.85
CA THR A 294 1.94 -17.00 -24.24
C THR A 294 1.06 -17.74 -25.25
N GLY A 295 0.19 -18.63 -24.78
CA GLY A 295 -0.62 -19.45 -25.66
C GLY A 295 -1.89 -18.77 -26.13
N SER A 296 -2.59 -19.46 -27.02
CA SER A 296 -3.80 -18.96 -27.65
C SER A 296 -4.99 -19.82 -27.21
N TRP A 297 -5.84 -19.22 -26.38
CA TRP A 297 -6.91 -19.97 -25.71
C TRP A 297 -8.18 -19.14 -25.59
N TRP A 298 -9.31 -19.83 -25.54
CA TRP A 298 -10.62 -19.20 -25.45
C TRP A 298 -11.36 -19.93 -24.34
N PRO A 299 -11.63 -19.23 -23.21
CA PRO A 299 -12.26 -19.91 -22.07
C PRO A 299 -13.60 -20.56 -22.41
N ILE A 300 -13.85 -21.73 -21.83
CA ILE A 300 -15.19 -22.32 -21.84
C ILE A 300 -15.95 -21.71 -20.68
N LEU A 301 -17.00 -20.95 -20.97
CA LEU A 301 -17.72 -20.19 -19.94
C LEU A 301 -18.31 -21.08 -18.83
N ASP A 302 -18.87 -22.25 -19.20
CA ASP A 302 -19.40 -23.19 -18.20
C ASP A 302 -18.33 -23.62 -17.20
N ASP A 303 -17.10 -23.82 -17.66
CA ASP A 303 -15.97 -24.08 -16.76
C ASP A 303 -15.77 -22.95 -15.75
N LEU A 304 -15.87 -21.69 -16.20
CA LEU A 304 -15.69 -20.53 -15.32
C LEU A 304 -16.85 -20.41 -14.33
N TYR A 305 -18.08 -20.56 -14.81
CA TYR A 305 -19.25 -20.49 -13.95
C TYR A 305 -19.25 -21.61 -12.92
N ALA A 306 -18.85 -22.81 -13.35
CA ALA A 306 -18.75 -23.96 -12.44
C ALA A 306 -17.69 -23.74 -11.34
N SER A 307 -16.72 -22.88 -11.62
CA SER A 307 -15.70 -22.52 -10.63
C SER A 307 -16.06 -21.21 -9.89
N ASN A 308 -17.32 -20.80 -9.96
CA ASN A 308 -17.79 -19.58 -9.29
C ASN A 308 -16.97 -18.34 -9.64
N ILE A 309 -16.55 -18.25 -10.90
CA ILE A 309 -15.82 -17.10 -11.40
C ILE A 309 -16.80 -16.19 -12.15
N PRO A 310 -17.05 -14.97 -11.62
CA PRO A 310 -17.91 -14.05 -12.35
C PRO A 310 -17.28 -13.61 -13.68
N VAL A 311 -18.09 -13.59 -14.73
CA VAL A 311 -17.64 -13.14 -16.05
C VAL A 311 -18.43 -11.91 -16.51
N TYR A 312 -17.70 -10.81 -16.75
CA TYR A 312 -18.26 -9.59 -17.32
C TYR A 312 -18.44 -9.79 -18.82
N ARG A 313 -19.63 -9.49 -19.34
CA ARG A 313 -19.93 -9.61 -20.77
C ARG A 313 -20.62 -8.35 -21.23
N PHE A 314 -20.19 -7.79 -22.36
CA PHE A 314 -20.85 -6.59 -22.89
C PHE A 314 -20.48 -6.36 -24.33
N VAL A 315 -21.24 -5.46 -24.97
CA VAL A 315 -20.96 -5.03 -26.33
C VAL A 315 -20.31 -3.66 -26.31
N GLN A 316 -19.29 -3.49 -27.13
CA GLN A 316 -18.62 -2.21 -27.36
C GLN A 316 -19.07 -1.75 -28.73
N ARG A 317 -19.86 -0.67 -28.77
CA ARG A 317 -20.37 -0.12 -30.03
C ARG A 317 -19.43 0.94 -30.58
N PRO A 318 -19.64 1.35 -31.84
CA PRO A 318 -18.75 2.35 -32.42
C PRO A 318 -18.72 3.64 -31.62
N GLY A 319 -17.53 4.14 -31.35
CA GLY A 319 -17.35 5.33 -30.53
C GLY A 319 -17.17 5.03 -29.05
N ASP A 320 -17.42 3.79 -28.63
CA ASP A 320 -17.23 3.43 -27.24
C ASP A 320 -15.76 3.16 -26.96
N LEU A 321 -15.31 3.65 -25.80
CA LEU A 321 -13.96 3.39 -25.33
C LEU A 321 -14.07 2.38 -24.21
N VAL A 322 -13.24 1.35 -24.27
CA VAL A 322 -13.14 0.37 -23.20
C VAL A 322 -11.82 0.60 -22.46
N TRP A 323 -11.91 0.73 -21.14
CA TRP A 323 -10.74 0.85 -20.29
C TRP A 323 -10.56 -0.48 -19.60
N ILE A 324 -9.44 -1.16 -19.86
CA ILE A 324 -9.16 -2.45 -19.25
C ILE A 324 -8.23 -2.19 -18.07
N ASN A 325 -8.74 -2.34 -16.86
CA ASN A 325 -7.97 -2.07 -15.65
C ASN A 325 -6.85 -3.10 -15.48
N ALA A 326 -5.88 -2.75 -14.63
CA ALA A 326 -4.68 -3.55 -14.41
C ALA A 326 -4.96 -5.01 -14.05
N GLY A 327 -4.37 -5.92 -14.82
CA GLY A 327 -4.44 -7.35 -14.57
C GLY A 327 -5.72 -8.04 -15.03
N THR A 328 -6.70 -7.30 -15.53
CA THR A 328 -7.96 -7.91 -15.97
C THR A 328 -7.73 -8.90 -17.11
N VAL A 329 -8.26 -10.11 -16.94
CA VAL A 329 -8.19 -11.15 -17.95
C VAL A 329 -9.31 -10.90 -18.93
N HIS A 330 -8.99 -10.83 -20.22
CA HIS A 330 -10.02 -10.50 -21.19
C HIS A 330 -9.83 -11.17 -22.54
N TRP A 331 -10.95 -11.33 -23.23
CA TRP A 331 -11.00 -11.86 -24.60
C TRP A 331 -12.17 -11.22 -25.34
N VAL A 332 -12.04 -11.10 -26.67
CA VAL A 332 -12.90 -10.26 -27.48
C VAL A 332 -13.19 -10.91 -28.85
N GLN A 333 -14.41 -10.73 -29.33
CA GLN A 333 -14.78 -11.17 -30.67
C GLN A 333 -15.56 -10.08 -31.39
N ALA A 334 -15.24 -9.83 -32.65
CA ALA A 334 -16.02 -8.91 -33.47
C ALA A 334 -17.38 -9.57 -33.79
N THR A 335 -18.44 -8.80 -33.62
CA THR A 335 -19.79 -9.21 -33.99
C THR A 335 -20.12 -8.73 -35.39
N GLY A 336 -19.47 -7.64 -35.83
CA GLY A 336 -19.70 -7.07 -37.15
C GLY A 336 -18.40 -6.74 -37.83
N TRP A 337 -18.48 -5.85 -38.82
CA TRP A 337 -17.30 -5.33 -39.49
C TRP A 337 -16.89 -4.05 -38.76
N CYS A 338 -15.66 -4.01 -38.28
CA CYS A 338 -15.19 -2.85 -37.55
C CYS A 338 -13.68 -2.78 -37.46
N ASN A 339 -13.18 -1.59 -37.18
CA ASN A 339 -11.80 -1.38 -36.81
C ASN A 339 -11.75 -0.99 -35.33
N ASN A 340 -10.67 -1.36 -34.66
CA ASN A 340 -10.38 -0.92 -33.28
C ASN A 340 -8.96 -0.38 -33.21
N ILE A 341 -8.73 0.58 -32.33
CA ILE A 341 -7.39 1.04 -32.02
C ILE A 341 -7.16 0.83 -30.53
N ALA A 342 -5.91 0.51 -30.16
CA ALA A 342 -5.59 0.22 -28.77
C ALA A 342 -4.15 0.51 -28.43
N TRP A 343 -3.93 0.73 -27.13
CA TRP A 343 -2.61 0.96 -26.57
C TRP A 343 -2.69 0.73 -25.06
N ASN A 344 -1.53 0.71 -24.41
CA ASN A 344 -1.46 0.51 -22.97
C ASN A 344 -1.20 1.81 -22.23
N VAL A 345 -1.60 1.84 -20.96
CA VAL A 345 -1.27 2.94 -20.08
C VAL A 345 -0.89 2.32 -18.73
N GLY A 346 0.09 2.93 -18.07
CA GLY A 346 0.52 2.48 -16.75
C GLY A 346 0.34 3.58 -15.74
N PRO A 347 -0.88 3.74 -15.20
CA PRO A 347 -1.07 4.81 -14.23
C PRO A 347 -0.12 4.65 -13.04
N LEU A 348 0.47 5.75 -12.60
CA LEU A 348 1.35 5.73 -11.43
C LEU A 348 0.52 5.57 -10.16
N THR A 349 0.10 4.33 -9.86
CA THR A 349 -0.59 3.98 -8.60
C THR A 349 0.06 2.74 -7.97
N ALA A 350 -0.15 2.57 -6.66
CA ALA A 350 0.36 1.41 -5.93
C ALA A 350 -0.17 0.11 -6.50
N TYR A 351 -1.45 0.11 -6.89
CA TYR A 351 -2.10 -1.07 -7.41
C TYR A 351 -1.46 -1.49 -8.74
N GLN A 352 -1.31 -0.56 -9.68
CA GLN A 352 -0.70 -0.84 -10.97
C GLN A 352 0.74 -1.32 -10.81
N TYR A 353 1.50 -0.60 -9.99
CA TYR A 353 2.93 -0.89 -9.86
C TYR A 353 3.15 -2.28 -9.25
N GLN A 354 2.37 -2.62 -8.22
CA GLN A 354 2.47 -3.94 -7.60
C GLN A 354 2.15 -5.08 -8.57
N LEU A 355 1.06 -4.94 -9.32
CA LEU A 355 0.69 -5.92 -10.34
C LEU A 355 1.74 -6.03 -11.45
N ALA A 356 2.38 -4.92 -11.78
CA ALA A 356 3.38 -4.89 -12.83
C ALA A 356 4.66 -5.58 -12.38
N LEU A 357 5.06 -5.35 -11.12
CA LEU A 357 6.22 -6.04 -10.55
C LEU A 357 5.96 -7.51 -10.26
N GLU A 358 4.74 -7.86 -9.85
CA GLU A 358 4.41 -9.27 -9.64
C GLU A 358 4.59 -10.06 -10.93
N ARG A 359 4.05 -9.53 -12.02
CA ARG A 359 4.14 -10.20 -13.32
C ARG A 359 5.57 -10.21 -13.82
N TYR A 360 6.30 -9.13 -13.54
CA TYR A 360 7.73 -9.04 -13.88
C TYR A 360 8.48 -10.22 -13.25
N GLU A 361 8.25 -10.45 -11.96
CA GLU A 361 8.87 -11.59 -11.25
C GLU A 361 8.40 -12.95 -11.79
N TRP A 362 7.08 -13.11 -11.98
CA TRP A 362 6.51 -14.36 -12.49
C TRP A 362 7.01 -14.68 -13.89
N ASN A 363 7.13 -13.66 -14.71
CA ASN A 363 7.69 -13.82 -16.06
C ASN A 363 9.08 -14.43 -16.04
N GLU A 364 9.90 -13.99 -15.09
CA GLU A 364 11.26 -14.48 -14.93
C GLU A 364 11.28 -15.95 -14.55
N VAL A 365 10.41 -16.33 -13.61
CA VAL A 365 10.25 -17.72 -13.20
C VAL A 365 9.89 -18.61 -14.39
N LYS A 366 9.01 -18.09 -15.26
CA LYS A 366 8.54 -18.84 -16.42
C LYS A 366 9.37 -18.60 -17.70
N ASN A 367 10.48 -17.86 -17.58
CA ASN A 367 11.33 -17.53 -18.74
C ASN A 367 10.55 -16.88 -19.89
N VAL A 368 9.68 -15.94 -19.55
CA VAL A 368 8.94 -15.16 -20.52
C VAL A 368 9.43 -13.73 -20.43
N LYS A 369 9.77 -13.15 -21.58
CA LYS A 369 10.26 -11.79 -21.61
C LYS A 369 9.23 -10.82 -21.06
N SER A 370 9.66 -9.95 -20.15
CA SER A 370 8.85 -8.82 -19.72
C SER A 370 9.07 -7.70 -20.72
N ILE A 371 8.03 -7.37 -21.49
CA ILE A 371 8.13 -6.39 -22.56
C ILE A 371 8.32 -4.98 -22.00
N VAL A 372 7.88 -4.74 -20.76
CA VAL A 372 8.19 -3.50 -20.04
C VAL A 372 9.40 -3.74 -19.10
N PRO A 373 10.54 -3.05 -19.35
CA PRO A 373 11.69 -3.27 -18.49
C PRO A 373 11.51 -2.54 -17.14
N MET A 374 10.88 -3.20 -16.17
CA MET A 374 10.44 -2.53 -14.94
C MET A 374 11.53 -1.90 -14.08
N ILE A 375 12.76 -2.41 -14.14
CA ILE A 375 13.84 -1.82 -13.35
C ILE A 375 14.24 -0.49 -13.98
N HIS A 376 14.56 -0.52 -15.27
CA HIS A 376 14.83 0.67 -16.06
C HIS A 376 13.75 1.74 -15.86
N VAL A 377 12.48 1.32 -15.88
CA VAL A 377 11.36 2.23 -15.72
C VAL A 377 11.28 2.81 -14.31
N SER A 378 11.49 1.98 -13.29
CA SER A 378 11.45 2.46 -11.90
C SER A 378 12.51 3.55 -11.61
N TRP A 379 13.72 3.38 -12.13
CA TRP A 379 14.76 4.40 -12.00
C TRP A 379 14.35 5.70 -12.69
N ASN A 380 13.81 5.58 -13.91
CA ASN A 380 13.37 6.75 -14.67
C ASN A 380 12.26 7.53 -13.99
N VAL A 381 11.25 6.84 -13.47
CA VAL A 381 10.17 7.55 -12.75
C VAL A 381 10.70 8.15 -11.45
N ALA A 382 11.61 7.44 -10.78
CA ALA A 382 12.28 7.94 -9.58
C ALA A 382 13.04 9.25 -9.82
N ARG A 383 13.62 9.39 -11.01
CA ARG A 383 14.42 10.56 -11.35
C ARG A 383 13.58 11.78 -11.71
N THR A 384 12.38 11.58 -12.25
CA THR A 384 11.63 12.70 -12.85
C THR A 384 10.23 12.97 -12.30
N VAL A 385 9.61 12.01 -11.63
CA VAL A 385 8.22 12.16 -11.16
C VAL A 385 8.18 12.27 -9.65
N LYS A 386 7.36 13.19 -9.15
CA LYS A 386 7.14 13.33 -7.71
C LYS A 386 5.98 12.43 -7.29
N ILE A 387 6.26 11.48 -6.39
CA ILE A 387 5.30 10.47 -5.96
C ILE A 387 4.75 10.87 -4.59
N SER A 388 3.44 11.04 -4.46
CA SER A 388 2.82 11.45 -3.18
C SER A 388 2.11 10.29 -2.45
N ASP A 389 1.68 9.28 -3.21
CA ASP A 389 1.12 8.05 -2.63
C ASP A 389 2.22 7.29 -1.89
N PRO A 390 2.12 7.21 -0.54
CA PRO A 390 3.17 6.57 0.25
C PRO A 390 3.36 5.08 -0.01
N ASP A 391 2.28 4.37 -0.38
CA ASP A 391 2.37 2.95 -0.73
C ASP A 391 3.19 2.74 -2.00
N LEU A 392 2.89 3.52 -3.02
CA LEU A 392 3.66 3.50 -4.26
C LEU A 392 5.12 3.88 -4.00
N PHE A 393 5.34 4.93 -3.21
CA PHE A 393 6.71 5.37 -2.90
C PHE A 393 7.56 4.25 -2.30
N LYS A 394 7.00 3.56 -1.30
CA LYS A 394 7.69 2.46 -0.62
C LYS A 394 8.04 1.33 -1.56
N MET A 395 7.12 1.02 -2.48
CA MET A 395 7.35 -0.05 -3.45
C MET A 395 8.51 0.28 -4.39
N ILE A 396 8.51 1.50 -4.92
CA ILE A 396 9.56 1.96 -5.81
C ILE A 396 10.91 2.06 -5.07
N LYS A 397 10.89 2.64 -3.88
CA LYS A 397 12.10 2.79 -3.05
C LYS A 397 12.75 1.42 -2.79
N PHE A 398 11.93 0.41 -2.53
CA PHE A 398 12.41 -0.94 -2.29
C PHE A 398 13.04 -1.54 -3.56
N CYS A 399 12.32 -1.45 -4.66
CA CYS A 399 12.84 -1.92 -5.95
C CYS A 399 14.18 -1.28 -6.29
N LEU A 400 14.29 0.04 -6.11
CA LEU A 400 15.54 0.76 -6.34
C LEU A 400 16.69 0.26 -5.45
N LEU A 401 16.44 0.09 -4.15
CA LEU A 401 17.46 -0.41 -3.25
C LEU A 401 17.92 -1.80 -3.64
N GLN A 402 16.97 -2.69 -3.96
CA GLN A 402 17.27 -4.05 -4.38
C GLN A 402 18.12 -4.06 -5.65
N SER A 403 17.77 -3.17 -6.58
CA SER A 403 18.56 -2.98 -7.81
C SER A 403 20.00 -2.55 -7.52
N MET A 404 20.19 -1.62 -6.58
CA MET A 404 21.55 -1.18 -6.22
C MET A 404 22.40 -2.31 -5.62
N LYS A 405 21.78 -3.12 -4.76
CA LYS A 405 22.44 -4.26 -4.13
C LYS A 405 22.83 -5.34 -5.13
N HIS A 406 21.96 -5.58 -6.10
CA HIS A 406 22.25 -6.55 -7.13
C HIS A 406 23.46 -6.12 -7.94
N CYS A 407 23.48 -4.85 -8.35
CA CYS A 407 24.62 -4.28 -9.08
C CYS A 407 25.91 -4.34 -8.25
N GLN A 408 25.81 -4.04 -6.96
CA GLN A 408 26.96 -4.12 -6.05
C GLN A 408 27.54 -5.53 -5.94
N VAL A 409 26.68 -6.53 -5.79
CA VAL A 409 27.12 -7.92 -5.72
C VAL A 409 27.86 -8.32 -7.02
N GLN A 410 27.35 -7.89 -8.17
CA GLN A 410 28.00 -8.19 -9.45
C GLN A 410 29.38 -7.55 -9.57
N ARG A 411 29.48 -6.26 -9.24
CA ARG A 411 30.77 -5.55 -9.33
C ARG A 411 31.83 -6.20 -8.45
N GLU A 412 31.44 -6.56 -7.24
CA GLU A 412 32.33 -7.16 -6.26
C GLU A 412 32.86 -8.51 -6.69
N SER A 413 32.00 -9.36 -7.23
CA SER A 413 32.43 -10.69 -7.63
C SER A 413 33.30 -10.60 -8.89
N LEU A 414 33.02 -9.63 -9.76
CA LEU A 414 33.86 -9.41 -10.94
C LEU A 414 35.24 -8.88 -10.55
N VAL A 415 35.30 -8.01 -9.55
CA VAL A 415 36.58 -7.50 -9.07
C VAL A 415 37.39 -8.60 -8.35
N ARG A 416 36.74 -9.44 -7.57
N ARG A 416 36.72 -9.45 -7.57
CA ARG A 416 37.40 -10.60 -6.96
CA ARG A 416 37.36 -10.61 -6.96
C ARG A 416 37.92 -11.57 -8.02
C ARG A 416 37.92 -11.56 -8.02
N ALA A 417 37.20 -11.70 -9.14
CA ALA A 417 37.64 -12.57 -10.24
C ALA A 417 38.80 -11.98 -11.06
N GLY A 418 39.04 -10.68 -10.92
CA GLY A 418 40.11 -10.00 -11.66
C GLY A 418 39.65 -9.52 -13.02
N LYS A 419 38.33 -9.36 -13.18
CA LYS A 419 37.75 -8.97 -14.44
C LYS A 419 37.54 -7.45 -14.44
N LYS A 420 37.98 -6.78 -15.51
CA LYS A 420 37.79 -5.34 -15.60
C LYS A 420 36.35 -4.99 -16.05
N ILE A 421 35.88 -3.82 -15.61
CA ILE A 421 34.58 -3.29 -15.98
C ILE A 421 34.80 -1.91 -16.60
N ALA A 422 34.38 -1.74 -17.84
CA ALA A 422 34.52 -0.46 -18.54
C ALA A 422 33.26 0.36 -18.30
N TYR A 423 33.43 1.65 -18.02
CA TYR A 423 32.26 2.54 -17.91
C TYR A 423 31.83 2.94 -19.32
N GLN A 424 30.60 2.64 -19.69
CA GLN A 424 30.08 2.93 -21.02
C GLN A 424 29.20 4.19 -21.04
N GLY A 425 28.37 4.36 -20.02
CA GLY A 425 27.44 5.48 -19.95
C GLY A 425 26.21 5.22 -20.80
N ARG A 426 25.29 6.17 -20.80
CA ARG A 426 24.04 6.08 -21.56
C ARG A 426 23.98 7.21 -22.57
N VAL A 427 23.38 6.93 -23.72
CA VAL A 427 23.13 7.95 -24.74
C VAL A 427 21.62 8.13 -24.91
N LYS A 428 21.23 9.19 -25.60
CA LYS A 428 19.80 9.51 -25.79
C LYS A 428 19.09 8.43 -26.58
N ASP A 429 17.87 8.12 -26.17
CA ASP A 429 17.01 7.15 -26.87
C ASP A 429 17.57 5.71 -26.88
N GLU A 430 18.51 5.41 -25.99
CA GLU A 430 19.10 4.07 -25.91
C GLU A 430 18.05 3.09 -25.37
N PRO A 431 17.97 1.88 -25.96
CA PRO A 431 17.03 0.91 -25.44
C PRO A 431 17.44 0.33 -24.08
N ALA A 432 16.51 -0.34 -23.41
CA ALA A 432 16.83 -1.20 -22.26
C ALA A 432 17.28 -2.55 -22.82
N TYR A 433 18.30 -3.13 -22.21
CA TYR A 433 18.89 -4.37 -22.73
C TYR A 433 18.33 -5.61 -22.08
N TYR A 434 18.22 -6.68 -22.88
CA TYR A 434 17.74 -7.98 -22.42
C TYR A 434 18.77 -9.06 -22.74
N CYS A 435 18.78 -10.14 -21.98
CA CYS A 435 19.72 -11.23 -22.24
C CYS A 435 19.37 -11.99 -23.53
N ASN A 436 20.34 -12.18 -24.40
CA ASN A 436 20.16 -12.92 -25.64
C ASN A 436 19.59 -14.34 -25.43
N GLU A 437 20.05 -15.01 -24.37
CA GLU A 437 19.70 -16.41 -24.13
C GLU A 437 18.38 -16.62 -23.38
N CYS A 438 18.17 -15.87 -22.30
CA CYS A 438 17.02 -16.13 -21.41
C CYS A 438 15.98 -15.00 -21.33
N ASP A 439 16.25 -13.87 -22.00
CA ASP A 439 15.30 -12.74 -22.13
C ASP A 439 14.99 -11.92 -20.86
N VAL A 440 15.80 -12.08 -19.81
N VAL A 440 15.80 -12.07 -19.82
CA VAL A 440 15.66 -11.26 -18.61
CA VAL A 440 15.64 -11.28 -18.60
C VAL A 440 16.15 -9.87 -18.93
C VAL A 440 16.19 -9.89 -18.87
N GLU A 441 15.64 -8.88 -18.20
CA GLU A 441 16.14 -7.52 -18.31
C GLU A 441 17.57 -7.53 -17.76
N VAL A 442 18.49 -6.91 -18.49
CA VAL A 442 19.85 -6.76 -18.03
C VAL A 442 20.08 -5.26 -17.81
N PHE A 443 20.06 -4.86 -16.54
CA PHE A 443 20.17 -3.46 -16.17
C PHE A 443 21.59 -3.14 -15.69
N ASN A 444 22.14 -2.05 -16.22
CA ASN A 444 23.41 -1.43 -15.77
C ASN A 444 24.65 -2.24 -16.14
N ILE A 445 24.90 -3.36 -15.47
CA ILE A 445 26.06 -4.19 -15.78
C ILE A 445 25.76 -5.09 -16.99
N LEU A 446 26.42 -4.82 -18.11
CA LEU A 446 26.18 -5.53 -19.36
C LEU A 446 27.36 -6.46 -19.68
N PHE A 447 27.03 -7.71 -20.00
CA PHE A 447 28.04 -8.69 -20.43
C PHE A 447 27.90 -8.83 -21.93
N VAL A 448 28.84 -8.24 -22.65
CA VAL A 448 28.72 -8.13 -24.09
C VAL A 448 29.73 -9.03 -24.78
N THR A 449 29.26 -9.74 -25.79
CA THR A 449 30.12 -10.51 -26.68
C THR A 449 29.96 -9.99 -28.09
N SER A 450 30.94 -10.28 -28.94
CA SER A 450 30.87 -9.95 -30.37
C SER A 450 30.49 -11.19 -31.16
N GLU A 451 29.31 -11.18 -31.76
CA GLU A 451 28.77 -12.34 -32.47
C GLU A 451 29.58 -12.67 -33.73
N ASN A 452 29.75 -11.69 -34.61
CA ASN A 452 30.51 -11.88 -35.85
C ASN A 452 31.08 -10.56 -36.38
N ASN A 456 30.13 -5.86 -36.43
CA ASN A 456 29.28 -4.85 -35.78
C ASN A 456 28.12 -5.46 -34.97
N THR A 457 28.15 -6.78 -34.77
CA THR A 457 27.08 -7.50 -34.07
C THR A 457 27.47 -7.82 -32.62
N TYR A 458 27.00 -6.99 -31.69
CA TYR A 458 27.21 -7.19 -30.25
C TYR A 458 25.97 -7.79 -29.60
N LEU A 459 26.15 -8.84 -28.81
CA LEU A 459 25.07 -9.45 -28.05
C LEU A 459 25.24 -9.16 -26.56
N VAL A 460 24.14 -8.88 -25.88
CA VAL A 460 24.13 -8.63 -24.43
C VAL A 460 23.64 -9.88 -23.70
N HIS A 461 24.36 -10.25 -22.64
CA HIS A 461 24.01 -11.40 -21.82
C HIS A 461 23.83 -10.98 -20.36
N CYS A 462 23.03 -11.74 -19.61
CA CYS A 462 22.98 -11.59 -18.16
C CYS A 462 24.22 -12.25 -17.54
N GLU A 463 24.44 -12.03 -16.24
CA GLU A 463 25.60 -12.59 -15.56
C GLU A 463 25.64 -14.11 -15.64
N GLY A 464 24.50 -14.74 -15.34
CA GLY A 464 24.36 -16.20 -15.35
C GLY A 464 24.72 -16.83 -16.68
N CYS A 465 24.15 -16.31 -17.76
CA CYS A 465 24.40 -16.85 -19.10
C CYS A 465 25.84 -16.61 -19.56
N ALA A 466 26.40 -15.45 -19.22
CA ALA A 466 27.82 -15.17 -19.47
C ALA A 466 28.75 -16.16 -18.77
N ARG A 467 28.50 -16.41 -17.48
CA ARG A 467 29.29 -17.37 -16.71
C ARG A 467 29.17 -18.79 -17.24
N ARG A 468 28.00 -19.10 -17.80
CA ARG A 468 27.68 -20.42 -18.34
C ARG A 468 28.40 -20.74 -19.66
N ARG A 469 29.00 -19.74 -20.31
CA ARG A 469 29.78 -19.97 -21.54
C ARG A 469 30.93 -20.95 -21.27
N SER A 470 31.33 -21.70 -22.29
CA SER A 470 32.35 -22.74 -22.10
C SER A 470 33.71 -22.15 -21.70
N ALA A 471 34.04 -20.98 -22.23
CA ALA A 471 35.27 -20.28 -21.83
C ALA A 471 35.02 -19.26 -20.70
N GLY A 472 33.84 -19.30 -20.08
CA GLY A 472 33.53 -18.40 -18.98
C GLY A 472 33.45 -16.96 -19.44
N LEU A 473 34.07 -16.05 -18.68
CA LEU A 473 34.07 -14.63 -19.05
C LEU A 473 35.21 -14.26 -20.01
N GLN A 474 35.95 -15.25 -20.53
CA GLN A 474 36.96 -14.98 -21.57
C GLN A 474 36.24 -14.59 -22.86
N GLY A 475 36.67 -13.47 -23.44
CA GLY A 475 36.00 -12.91 -24.62
C GLY A 475 34.73 -12.13 -24.31
N VAL A 476 34.36 -12.04 -23.03
CA VAL A 476 33.21 -11.24 -22.62
C VAL A 476 33.73 -9.89 -22.15
N VAL A 477 33.12 -8.82 -22.66
CA VAL A 477 33.45 -7.46 -22.27
C VAL A 477 32.38 -7.02 -21.30
N VAL A 478 32.79 -6.49 -20.14
CA VAL A 478 31.82 -6.05 -19.14
C VAL A 478 31.74 -4.53 -19.13
N LEU A 479 30.52 -4.02 -19.33
CA LEU A 479 30.23 -2.60 -19.35
C LEU A 479 29.33 -2.18 -18.18
N GLU A 480 29.64 -1.01 -17.62
CA GLU A 480 28.82 -0.41 -16.58
C GLU A 480 28.19 0.84 -17.17
N GLN A 481 26.87 0.94 -17.11
CA GLN A 481 26.15 2.11 -17.64
C GLN A 481 25.90 3.20 -16.57
N TYR A 482 25.76 2.81 -15.31
CA TYR A 482 25.61 3.78 -14.20
C TYR A 482 26.60 3.43 -13.11
N ARG A 483 27.47 4.38 -12.74
CA ARG A 483 28.35 4.19 -11.56
C ARG A 483 27.50 4.12 -10.30
N THR A 484 28.02 3.42 -9.29
CA THR A 484 27.39 3.33 -7.97
C THR A 484 26.86 4.69 -7.52
N GLU A 485 27.70 5.72 -7.65
CA GLU A 485 27.38 7.08 -7.21
C GLU A 485 26.22 7.71 -7.97
N GLU A 486 26.09 7.39 -9.26
CA GLU A 486 24.95 7.88 -10.04
C GLU A 486 23.67 7.32 -9.48
N LEU A 487 23.66 6.02 -9.20
CA LEU A 487 22.45 5.37 -8.64
C LEU A 487 22.16 5.86 -7.22
N ALA A 488 23.21 5.93 -6.38
CA ALA A 488 23.07 6.38 -4.99
C ALA A 488 22.49 7.81 -4.92
N GLN A 489 22.93 8.66 -5.84
CA GLN A 489 22.47 10.05 -5.84
C GLN A 489 21.03 10.19 -6.32
N ALA A 490 20.64 9.43 -7.35
CA ALA A 490 19.24 9.39 -7.80
C ALA A 490 18.34 8.81 -6.72
N TYR A 491 18.79 7.72 -6.11
CA TYR A 491 18.10 7.11 -4.97
C TYR A 491 17.89 8.11 -3.83
N ASP A 492 18.95 8.79 -3.40
CA ASP A 492 18.88 9.73 -2.28
C ASP A 492 17.93 10.90 -2.55
N ALA A 493 17.88 11.34 -3.80
CA ALA A 493 17.00 12.43 -4.20
C ALA A 493 15.53 11.97 -4.38
N PHE A 494 15.29 10.66 -4.29
CA PHE A 494 13.92 10.13 -4.38
C PHE A 494 13.25 10.12 -3.00
N THR A 495 12.40 11.12 -2.78
CA THR A 495 11.74 11.31 -1.49
C THR A 495 10.24 11.55 -1.69
N LEU A 496 9.46 11.25 -0.67
CA LEU A 496 7.99 11.36 -0.75
C LEU A 496 7.58 12.83 -0.91
N ALA A 497 6.79 13.12 -1.94
CA ALA A 497 6.25 14.46 -2.15
C ALA A 497 5.04 14.70 -1.24
N PRO A 498 4.84 15.95 -0.77
CA PRO A 498 3.68 16.22 0.10
C PRO A 498 2.36 16.35 -0.67
N LEU B 41 12.80 14.13 47.16
CA LEU B 41 12.23 14.64 45.88
C LEU B 41 11.81 13.49 44.95
N ASN B 42 12.64 12.43 44.93
CA ASN B 42 12.42 11.28 44.04
C ASN B 42 12.20 9.99 44.83
N PRO B 43 10.99 9.39 44.72
CA PRO B 43 10.78 8.13 45.40
C PRO B 43 11.61 6.99 44.83
N PRO B 44 11.78 5.90 45.60
CA PRO B 44 12.52 4.76 45.07
C PRO B 44 11.84 4.16 43.84
N THR B 45 12.62 3.87 42.81
CA THR B 45 12.08 3.29 41.58
C THR B 45 11.80 1.79 41.81
N PRO B 46 10.55 1.35 41.54
CA PRO B 46 10.22 -0.08 41.64
C PRO B 46 11.00 -0.90 40.62
N SER B 47 11.97 -1.66 41.12
CA SER B 47 12.81 -2.50 40.29
C SER B 47 12.59 -3.96 40.64
N ILE B 48 12.86 -4.83 39.69
CA ILE B 48 12.79 -6.25 39.93
C ILE B 48 13.80 -6.94 39.03
N TYR B 49 14.33 -8.06 39.52
CA TYR B 49 15.18 -8.93 38.72
C TYR B 49 14.55 -10.32 38.64
N LEU B 50 14.35 -10.81 37.42
CA LEU B 50 13.80 -12.15 37.21
C LEU B 50 14.92 -13.18 37.29
N GLU B 51 14.89 -14.01 38.34
CA GLU B 51 15.95 -14.99 38.59
C GLU B 51 15.97 -16.10 37.53
N SER B 52 14.79 -16.47 37.05
CA SER B 52 14.65 -17.46 35.98
C SER B 52 13.44 -17.13 35.10
N LYS B 53 13.35 -17.82 33.97
CA LYS B 53 12.19 -17.70 33.08
C LYS B 53 10.88 -17.99 33.83
N ARG B 54 10.92 -18.97 34.72
CA ARG B 54 9.77 -19.35 35.55
C ARG B 54 9.16 -18.16 36.31
N ASP B 55 10.01 -17.23 36.75
CA ASP B 55 9.55 -16.07 37.52
C ASP B 55 8.84 -15.04 36.66
N ALA B 56 9.23 -14.94 35.39
CA ALA B 56 8.59 -14.04 34.45
C ALA B 56 7.13 -14.41 34.19
N PHE B 57 6.80 -15.70 34.37
CA PHE B 57 5.45 -16.20 34.11
C PHE B 57 4.66 -16.42 35.40
N SER B 58 5.20 -15.95 36.52
CA SER B 58 4.51 -15.96 37.79
C SER B 58 3.35 -14.96 37.79
N PRO B 59 2.21 -15.32 38.41
CA PRO B 59 1.15 -14.34 38.61
C PRO B 59 1.58 -13.15 39.48
N VAL B 60 2.61 -13.34 40.30
CA VAL B 60 3.17 -12.29 41.16
C VAL B 60 3.69 -11.08 40.36
N LEU B 61 4.28 -11.35 39.19
CA LEU B 61 4.85 -10.29 38.35
C LEU B 61 3.74 -9.42 37.78
N LEU B 62 2.70 -10.07 37.27
CA LEU B 62 1.51 -9.39 36.81
C LEU B 62 0.95 -8.48 37.91
N GLN B 63 0.78 -9.00 39.11
CA GLN B 63 0.20 -8.23 40.23
C GLN B 63 1.00 -6.98 40.53
N PHE B 64 2.32 -7.14 40.56
CA PHE B 64 3.22 -6.06 40.88
C PHE B 64 3.13 -4.96 39.82
N CYS B 65 3.24 -5.34 38.55
CA CYS B 65 3.28 -4.38 37.44
C CYS B 65 1.97 -3.60 37.24
N THR B 66 0.85 -4.28 37.43
CA THR B 66 -0.48 -3.68 37.28
C THR B 66 -0.99 -3.00 38.58
N ASP B 67 -0.25 -3.14 39.68
CA ASP B 67 -0.65 -2.54 40.96
C ASP B 67 -0.75 -1.02 40.83
N PRO B 68 -1.94 -0.44 41.10
CA PRO B 68 -2.09 1.02 40.98
C PRO B 68 -1.06 1.82 41.77
N ARG B 69 -0.49 1.22 42.83
CA ARG B 69 0.55 1.89 43.62
C ARG B 69 1.92 1.94 42.95
N ASN B 70 2.15 1.10 41.93
CA ASN B 70 3.40 1.15 41.15
C ASN B 70 3.13 1.77 39.78
N PRO B 71 3.38 3.08 39.65
CA PRO B 71 3.11 3.77 38.38
C PRO B 71 4.05 3.33 37.27
N ILE B 72 5.23 2.82 37.63
CA ILE B 72 6.21 2.42 36.66
C ILE B 72 7.08 1.33 37.29
N THR B 73 7.48 0.34 36.49
CA THR B 73 8.35 -0.74 36.94
C THR B 73 9.47 -0.95 35.93
N VAL B 74 10.70 -1.07 36.43
CA VAL B 74 11.82 -1.41 35.56
C VAL B 74 12.24 -2.83 35.89
N ILE B 75 12.23 -3.70 34.87
CA ILE B 75 12.69 -5.08 35.03
C ILE B 75 14.12 -5.13 34.56
N ARG B 76 15.04 -5.17 35.53
CA ARG B 76 16.46 -5.13 35.27
C ARG B 76 16.91 -6.41 34.59
N GLY B 77 17.60 -6.26 33.46
CA GLY B 77 18.16 -7.40 32.73
C GLY B 77 17.14 -8.42 32.25
N LEU B 78 15.93 -7.96 31.96
CA LEU B 78 14.88 -8.84 31.43
C LEU B 78 15.33 -9.57 30.17
N ALA B 79 16.02 -8.89 29.27
CA ALA B 79 16.47 -9.48 28.00
C ALA B 79 17.30 -10.73 28.25
N GLY B 80 18.25 -10.65 29.17
CA GLY B 80 19.07 -11.80 29.55
C GLY B 80 18.31 -12.90 30.25
N SER B 81 17.46 -12.53 31.21
CA SER B 81 16.62 -13.48 31.95
C SER B 81 15.70 -14.31 31.05
N LEU B 82 15.14 -13.70 30.01
CA LEU B 82 14.27 -14.39 29.04
C LEU B 82 14.99 -14.83 27.77
N ARG B 83 16.28 -14.55 27.68
CA ARG B 83 17.11 -14.93 26.52
C ARG B 83 16.59 -14.31 25.22
N LEU B 84 16.23 -13.04 25.29
CA LEU B 84 15.84 -12.27 24.11
C LEU B 84 17.08 -11.94 23.28
N ASN B 85 16.99 -12.18 21.98
CA ASN B 85 18.05 -11.84 21.05
C ASN B 85 17.94 -10.36 20.65
N LEU B 86 18.58 -9.49 21.44
CA LEU B 86 18.58 -8.04 21.19
C LEU B 86 19.30 -7.65 19.91
N GLY B 87 20.27 -8.46 19.49
CA GLY B 87 20.98 -8.26 18.22
C GLY B 87 20.06 -8.11 17.02
N LEU B 88 18.88 -8.74 17.06
CA LEU B 88 17.86 -8.61 16.02
C LEU B 88 17.34 -7.17 15.84
N PHE B 89 17.44 -6.36 16.88
CA PHE B 89 16.99 -4.97 16.83
C PHE B 89 18.18 -3.99 16.83
N SER B 90 19.38 -4.49 16.56
CA SER B 90 20.55 -3.62 16.40
C SER B 90 20.41 -2.84 15.08
N THR B 91 21.08 -1.70 15.01
CA THR B 91 20.97 -0.81 13.87
C THR B 91 21.48 -1.50 12.60
N LYS B 92 22.61 -2.20 12.71
CA LYS B 92 23.14 -3.00 11.62
C LYS B 92 22.11 -4.00 11.06
N THR B 93 21.38 -4.68 11.94
CA THR B 93 20.38 -5.67 11.52
C THR B 93 19.16 -4.99 10.88
N LEU B 94 18.79 -3.82 11.41
CA LEU B 94 17.67 -3.06 10.87
C LEU B 94 17.97 -2.53 9.48
N VAL B 95 19.19 -2.04 9.29
CA VAL B 95 19.63 -1.54 7.99
C VAL B 95 19.64 -2.65 6.93
N GLU B 96 20.14 -3.83 7.29
CA GLU B 96 20.15 -4.93 6.32
C GLU B 96 18.74 -5.49 6.09
N ALA B 97 17.90 -5.47 7.13
CA ALA B 97 16.51 -5.94 7.01
C ALA B 97 15.59 -5.00 6.22
N SER B 98 15.77 -3.69 6.39
CA SER B 98 14.96 -2.70 5.66
C SER B 98 15.61 -1.31 5.61
N GLY B 99 16.69 -1.19 4.85
CA GLY B 99 17.45 0.06 4.76
C GLY B 99 16.67 1.27 4.26
N GLU B 100 15.65 1.03 3.44
CA GLU B 100 14.83 2.10 2.87
C GLU B 100 13.63 2.52 3.73
N HIS B 101 13.39 1.81 4.82
CA HIS B 101 12.19 2.03 5.65
C HIS B 101 12.16 3.47 6.18
N THR B 102 10.97 4.05 6.23
CA THR B 102 10.82 5.45 6.60
C THR B 102 10.99 5.70 8.11
N VAL B 103 11.78 6.72 8.42
CA VAL B 103 12.03 7.15 9.79
C VAL B 103 11.53 8.61 9.93
N GLU B 104 10.65 8.84 10.90
CA GLU B 104 10.24 10.20 11.25
C GLU B 104 11.33 10.81 12.13
N VAL B 105 11.94 11.89 11.66
CA VAL B 105 13.04 12.52 12.38
C VAL B 105 12.58 13.76 13.13
N ARG B 106 13.00 13.87 14.38
CA ARG B 106 12.75 15.06 15.16
C ARG B 106 14.08 15.77 15.39
N THR B 107 14.15 17.03 14.96
CA THR B 107 15.35 17.82 15.12
C THR B 107 15.20 18.68 16.36
N GLN B 108 16.22 18.64 17.22
CA GLN B 108 16.10 19.19 18.57
C GLN B 108 17.42 19.81 18.99
N VAL B 109 17.34 20.84 19.83
CA VAL B 109 18.53 21.37 20.48
C VAL B 109 18.90 20.42 21.61
N GLN B 110 20.15 19.95 21.61
CA GLN B 110 20.64 19.05 22.65
C GLN B 110 20.83 19.82 23.94
N GLN B 111 20.19 19.35 25.01
CA GLN B 111 20.36 19.97 26.32
C GLN B 111 20.27 18.92 27.42
N PRO B 112 20.81 19.24 28.61
CA PRO B 112 20.73 18.29 29.73
C PRO B 112 19.30 17.88 30.04
N SER B 113 19.13 16.68 30.58
CA SER B 113 17.84 16.04 30.73
C SER B 113 16.92 16.76 31.72
N ASP B 114 17.51 17.50 32.64
CA ASP B 114 16.75 18.25 33.63
C ASP B 114 16.56 19.72 33.23
N GLU B 115 16.70 20.02 31.93
CA GLU B 115 16.64 21.40 31.44
C GLU B 115 15.91 21.50 30.10
N ASN B 116 15.17 22.59 29.93
CA ASN B 116 14.60 22.95 28.65
C ASN B 116 14.53 24.47 28.63
N TRP B 117 15.42 25.08 27.84
CA TRP B 117 15.62 26.53 27.84
C TRP B 117 14.83 27.22 26.74
N ASP B 118 14.54 28.49 26.93
CA ASP B 118 13.92 29.30 25.89
C ASP B 118 14.92 29.67 24.79
N LEU B 119 14.47 30.43 23.79
CA LEU B 119 15.31 30.83 22.66
C LEU B 119 16.57 31.61 23.07
N THR B 120 16.42 32.50 24.05
CA THR B 120 17.53 33.34 24.49
C THR B 120 18.46 32.66 25.51
N GLY B 121 18.09 31.45 25.94
CA GLY B 121 18.92 30.68 26.87
C GLY B 121 19.03 31.31 28.24
N THR B 122 18.01 32.05 28.65
CA THR B 122 18.01 32.72 29.95
C THR B 122 17.00 32.13 30.94
N ARG B 123 16.09 31.29 30.47
CA ARG B 123 14.97 30.81 31.29
C ARG B 123 14.54 29.38 30.97
N GLN B 124 14.04 28.67 31.97
CA GLN B 124 13.40 27.36 31.77
C GLN B 124 11.99 27.58 31.27
N ILE B 125 11.57 26.81 30.28
CA ILE B 125 10.18 26.84 29.81
C ILE B 125 9.63 25.41 29.63
N TRP B 126 8.31 25.30 29.57
CA TRP B 126 7.63 24.00 29.41
C TRP B 126 7.54 23.56 27.95
N PRO B 127 7.12 24.48 27.03
CA PRO B 127 7.04 24.09 25.62
C PRO B 127 8.38 23.57 25.07
N CYS B 128 8.30 22.46 24.35
CA CYS B 128 9.47 21.74 23.87
C CYS B 128 9.26 21.41 22.40
N GLU B 129 9.55 22.38 21.53
CA GLU B 129 9.20 22.28 20.12
C GLU B 129 10.29 21.58 19.30
N SER B 130 9.86 20.83 18.28
CA SER B 130 10.78 20.10 17.40
C SER B 130 10.38 20.20 15.94
N SER B 131 11.37 20.39 15.07
CA SER B 131 11.15 20.34 13.63
C SER B 131 10.98 18.87 13.21
N ARG B 132 9.98 18.61 12.39
CA ARG B 132 9.69 17.27 11.89
C ARG B 132 10.20 17.14 10.45
N SER B 133 10.84 16.01 10.15
CA SER B 133 11.18 15.66 8.77
C SER B 133 11.22 14.13 8.62
N HIS B 134 11.55 13.67 7.42
CA HIS B 134 11.57 12.24 7.12
C HIS B 134 12.86 11.80 6.45
N THR B 135 13.26 10.56 6.72
CA THR B 135 14.46 9.98 6.14
C THR B 135 14.33 8.45 6.14
N THR B 136 15.44 7.77 5.86
CA THR B 136 15.46 6.31 5.82
C THR B 136 16.23 5.75 7.01
N ILE B 137 16.02 4.46 7.30
CA ILE B 137 16.77 3.77 8.34
C ILE B 137 18.26 3.83 8.06
N ALA B 138 18.65 3.62 6.80
CA ALA B 138 20.06 3.62 6.42
C ALA B 138 20.73 4.98 6.64
N LYS B 139 20.04 6.05 6.28
CA LYS B 139 20.56 7.41 6.49
C LYS B 139 20.65 7.74 7.98
N TYR B 140 19.61 7.42 8.75
CA TYR B 140 19.70 7.67 10.19
C TYR B 140 20.82 6.85 10.82
N ALA B 141 20.88 5.56 10.46
CA ALA B 141 21.94 4.68 10.95
C ALA B 141 23.34 5.27 10.74
N GLN B 142 23.53 5.86 9.56
N GLN B 142 23.56 5.87 9.58
CA GLN B 142 24.76 6.54 9.18
CA GLN B 142 24.86 6.49 9.27
C GLN B 142 25.06 7.71 10.10
C GLN B 142 25.09 7.75 10.11
N TYR B 143 24.03 8.53 10.34
CA TYR B 143 24.12 9.67 11.24
C TYR B 143 24.40 9.20 12.67
N GLN B 144 23.69 8.15 13.09
CA GLN B 144 23.87 7.53 14.40
C GLN B 144 25.30 6.99 14.57
N ALA B 145 25.82 6.34 13.53
CA ALA B 145 27.16 5.78 13.55
C ALA B 145 28.26 6.85 13.55
N SER B 146 28.14 7.83 12.66
CA SER B 146 29.15 8.88 12.56
C SER B 146 29.07 9.88 13.72
N SER B 147 27.86 10.07 14.25
CA SER B 147 27.66 10.82 15.49
C SER B 147 28.54 10.24 16.60
N PHE B 148 28.49 8.92 16.76
CA PHE B 148 29.28 8.19 17.73
C PHE B 148 30.79 8.31 17.46
N GLN B 149 31.19 8.17 16.19
CA GLN B 149 32.59 8.29 15.81
C GLN B 149 33.14 9.68 16.12
N GLU B 150 32.37 10.71 15.77
CA GLU B 150 32.75 12.10 16.00
C GLU B 150 32.98 12.44 17.47
N SER B 151 32.59 11.55 18.39
CA SER B 151 32.91 11.68 19.81
C SER B 151 34.33 11.22 20.18
N LEU B 152 35.12 10.78 19.20
CA LEU B 152 36.54 10.42 19.40
C LEU B 152 36.95 10.25 20.87
N HIS B 183 22.46 25.59 20.95
CA HIS B 183 23.32 25.77 19.78
C HIS B 183 23.71 24.44 19.09
N HIS B 184 23.64 23.33 19.83
CA HIS B 184 24.04 22.02 19.32
C HIS B 184 22.81 21.20 18.91
N ILE B 185 22.62 21.01 17.61
CA ILE B 185 21.43 20.37 17.07
C ILE B 185 21.67 18.86 16.90
N ILE B 186 20.70 18.07 17.37
CA ILE B 186 20.71 16.62 17.18
C ILE B 186 19.43 16.16 16.51
N LYS B 187 19.43 14.93 16.00
CA LYS B 187 18.28 14.36 15.32
C LYS B 187 17.86 13.05 15.99
N PHE B 188 16.54 12.85 16.12
CA PHE B 188 15.95 11.74 16.86
C PHE B 188 15.05 10.98 15.91
N GLY B 189 15.39 9.71 15.66
CA GLY B 189 14.63 8.86 14.76
C GLY B 189 13.50 8.18 15.50
N THR B 190 12.29 8.64 15.25
CA THR B 190 11.15 8.26 16.07
C THR B 190 10.09 7.52 15.27
N ASN B 191 9.24 6.78 15.98
CA ASN B 191 8.06 6.14 15.40
C ASN B 191 8.33 5.35 14.11
N ILE B 192 9.30 4.45 14.17
CA ILE B 192 9.58 3.56 13.06
C ILE B 192 8.65 2.34 13.17
N ASP B 193 7.91 2.10 12.10
CA ASP B 193 6.81 1.16 12.08
C ASP B 193 7.29 -0.28 11.85
N LEU B 194 7.24 -1.12 12.89
CA LEU B 194 7.58 -2.54 12.74
C LEU B 194 6.34 -3.44 12.68
N SER B 195 5.30 -2.99 11.98
CA SER B 195 4.04 -3.74 11.90
C SER B 195 4.03 -4.86 10.87
N ASP B 196 4.73 -4.68 9.74
CA ASP B 196 4.70 -5.66 8.66
C ASP B 196 5.30 -6.99 9.12
N ALA B 197 4.43 -7.95 9.38
CA ALA B 197 4.82 -9.23 10.02
C ALA B 197 5.65 -10.18 9.15
N LYS B 198 5.73 -9.94 7.84
CA LYS B 198 6.63 -10.69 6.98
C LYS B 198 8.04 -10.12 7.06
N ARG B 199 8.14 -8.81 6.85
CA ARG B 199 9.41 -8.10 6.90
C ARG B 199 10.15 -8.23 8.24
N TRP B 200 9.38 -8.23 9.33
CA TRP B 200 9.96 -8.23 10.66
C TRP B 200 9.68 -9.54 11.40
N LYS B 201 9.59 -10.65 10.68
CA LYS B 201 9.22 -11.92 11.30
C LYS B 201 10.13 -12.31 12.49
N PRO B 202 11.46 -12.37 12.27
CA PRO B 202 12.28 -12.82 13.39
C PRO B 202 12.24 -11.85 14.58
N GLN B 203 12.12 -10.54 14.32
CA GLN B 203 11.99 -9.56 15.38
C GLN B 203 10.74 -9.81 16.23
N LEU B 204 9.60 -9.96 15.56
CA LEU B 204 8.33 -10.15 16.25
C LEU B 204 8.23 -11.51 16.96
N GLN B 205 8.83 -12.54 16.39
CA GLN B 205 8.88 -13.86 17.03
C GLN B 205 9.63 -13.80 18.34
N GLU B 206 10.70 -13.02 18.36
CA GLU B 206 11.53 -12.84 19.56
C GLU B 206 10.71 -12.29 20.74
N LEU B 207 9.76 -11.40 20.45
CA LEU B 207 8.91 -10.82 21.49
C LEU B 207 7.82 -11.78 22.01
N LEU B 208 7.63 -12.93 21.35
CA LEU B 208 6.74 -13.97 21.89
C LEU B 208 7.31 -14.64 23.14
N LYS B 209 8.59 -14.42 23.43
CA LYS B 209 9.23 -14.97 24.64
C LYS B 209 8.81 -14.24 25.91
N LEU B 210 8.27 -13.04 25.77
CA LEU B 210 7.77 -12.29 26.91
C LEU B 210 6.57 -13.01 27.52
N PRO B 211 6.30 -12.77 28.81
CA PRO B 211 5.09 -13.32 29.42
C PRO B 211 3.84 -12.72 28.79
N ALA B 212 2.75 -13.47 28.79
CA ALA B 212 1.58 -13.14 27.96
C ALA B 212 1.09 -11.69 28.10
N PHE B 213 1.06 -11.17 29.33
CA PHE B 213 0.49 -9.84 29.57
C PHE B 213 1.32 -8.70 28.99
N MET B 214 2.58 -8.96 28.64
CA MET B 214 3.45 -7.95 28.02
C MET B 214 3.52 -8.07 26.50
N ARG B 215 3.00 -9.16 25.94
CA ARG B 215 3.06 -9.37 24.51
C ARG B 215 2.24 -8.34 23.73
N VAL B 216 2.64 -8.12 22.48
CA VAL B 216 1.95 -7.24 21.57
C VAL B 216 0.53 -7.74 21.31
N THR B 217 0.40 -9.06 21.21
CA THR B 217 -0.89 -9.72 21.05
C THR B 217 -1.11 -10.75 22.15
N SER B 218 -2.29 -10.72 22.74
CA SER B 218 -2.64 -11.59 23.86
C SER B 218 -4.16 -11.52 24.09
N THR B 219 -4.76 -12.63 24.52
CA THR B 219 -6.22 -12.65 24.71
C THR B 219 -6.65 -11.70 25.83
N GLY B 220 -5.82 -11.57 26.87
CA GLY B 220 -6.07 -10.63 27.95
C GLY B 220 -5.67 -9.18 27.68
N ASN B 221 -5.47 -8.82 26.42
CA ASN B 221 -5.06 -7.47 26.02
C ASN B 221 -6.17 -6.81 25.19
N MET B 222 -6.77 -5.74 25.73
CA MET B 222 -7.86 -5.04 25.04
C MET B 222 -7.53 -4.68 23.61
N LEU B 223 -6.28 -4.29 23.37
CA LEU B 223 -5.85 -3.87 22.05
C LEU B 223 -5.80 -5.02 21.05
N SER B 224 -5.75 -6.27 21.54
CA SER B 224 -5.90 -7.44 20.68
C SER B 224 -7.36 -7.74 20.29
N HIS B 225 -8.31 -6.94 20.77
CA HIS B 225 -9.74 -7.09 20.42
C HIS B 225 -10.31 -5.87 19.72
N VAL B 226 -9.44 -5.00 19.23
CA VAL B 226 -9.84 -3.88 18.38
C VAL B 226 -10.32 -4.40 17.01
N GLY B 227 -9.73 -5.50 16.54
CA GLY B 227 -10.16 -6.15 15.30
C GLY B 227 -9.49 -5.59 14.06
N HIS B 228 -8.60 -4.62 14.27
CA HIS B 228 -7.81 -4.02 13.19
C HIS B 228 -6.57 -3.36 13.79
N THR B 229 -5.66 -2.93 12.93
CA THR B 229 -4.40 -2.35 13.37
C THR B 229 -4.58 -0.91 13.84
N ILE B 230 -3.96 -0.58 14.97
CA ILE B 230 -3.78 0.79 15.42
C ILE B 230 -2.29 1.02 15.53
N LEU B 231 -1.73 1.74 14.56
CA LEU B 231 -0.28 1.87 14.44
C LEU B 231 0.34 2.46 15.69
N GLY B 232 1.24 1.71 16.30
CA GLY B 232 1.97 2.15 17.48
C GLY B 232 1.44 1.63 18.79
N MET B 233 0.21 1.11 18.78
CA MET B 233 -0.42 0.66 20.01
C MET B 233 -0.46 -0.85 20.06
N ASN B 234 -1.19 -1.46 19.12
CA ASN B 234 -1.15 -2.92 18.98
C ASN B 234 -0.18 -3.37 17.90
N THR B 235 0.72 -2.46 17.51
CA THR B 235 1.92 -2.82 16.74
C THR B 235 3.18 -2.16 17.33
N VAL B 236 4.32 -2.79 17.07
CA VAL B 236 5.59 -2.38 17.66
C VAL B 236 6.18 -1.16 16.96
N GLN B 237 6.70 -0.22 17.76
CA GLN B 237 7.39 0.95 17.25
C GLN B 237 8.84 0.89 17.65
N LEU B 238 9.70 1.38 16.76
CA LEU B 238 11.13 1.42 17.01
C LEU B 238 11.59 2.88 17.06
N TYR B 239 12.56 3.15 17.93
CA TYR B 239 13.16 4.46 18.07
C TYR B 239 14.66 4.30 17.93
N MET B 240 15.27 5.18 17.14
CA MET B 240 16.71 5.19 16.98
C MET B 240 17.21 6.53 17.51
N LYS B 241 18.15 6.47 18.47
CA LYS B 241 18.52 7.67 19.23
C LYS B 241 20.00 7.99 19.24
N VAL B 242 20.29 9.28 19.39
CA VAL B 242 21.61 9.78 19.80
C VAL B 242 21.46 10.52 21.15
N PRO B 243 22.59 10.81 21.85
CA PRO B 243 22.49 11.50 23.13
C PRO B 243 21.73 12.82 23.02
N GLY B 244 20.74 13.00 23.90
CA GLY B 244 19.88 14.18 23.87
C GLY B 244 18.50 13.96 23.26
N SER B 245 18.34 12.88 22.50
CA SER B 245 17.05 12.56 21.86
C SER B 245 15.94 12.48 22.91
N ARG B 246 14.86 13.23 22.69
CA ARG B 246 13.85 13.49 23.71
C ARG B 246 12.44 13.13 23.30
N THR B 247 11.76 12.36 24.12
CA THR B 247 10.33 12.14 23.99
C THR B 247 9.63 13.00 25.06
N PRO B 248 8.90 14.05 24.63
CA PRO B 248 8.20 14.94 25.56
C PRO B 248 7.10 14.29 26.39
N GLY B 249 6.63 15.03 27.38
CA GLY B 249 5.72 14.48 28.37
C GLY B 249 4.38 14.08 27.80
N HIS B 250 3.89 12.92 28.20
CA HIS B 250 2.58 12.46 27.78
C HIS B 250 2.03 11.42 28.73
N GLN B 251 0.72 11.23 28.67
CA GLN B 251 0.10 9.98 29.06
C GLN B 251 -0.10 9.23 27.75
N GLU B 252 -0.10 7.89 27.79
CA GLU B 252 -0.40 7.11 26.60
C GLU B 252 -1.85 7.38 26.16
N ASN B 253 -2.12 7.13 24.87
CA ASN B 253 -3.47 7.22 24.31
C ASN B 253 -4.45 6.40 25.16
N ASN B 254 -5.51 7.07 25.61
CA ASN B 254 -6.54 6.48 26.45
C ASN B 254 -6.00 5.80 27.71
N ASN B 255 -4.91 6.36 28.24
CA ASN B 255 -4.27 5.86 29.45
C ASN B 255 -3.89 4.39 29.46
N PHE B 256 -3.54 3.83 28.30
CA PHE B 256 -3.16 2.42 28.22
C PHE B 256 -1.75 2.20 28.70
N CYS B 257 -1.48 1.02 29.25
CA CYS B 257 -0.13 0.69 29.69
C CYS B 257 0.83 0.63 28.50
N SER B 258 2.12 0.76 28.78
CA SER B 258 3.14 0.75 27.76
C SER B 258 4.30 -0.12 28.20
N VAL B 259 4.96 -0.74 27.21
CA VAL B 259 6.13 -1.57 27.45
C VAL B 259 7.25 -1.03 26.57
N ASN B 260 8.44 -0.82 27.14
CA ASN B 260 9.60 -0.28 26.42
C ASN B 260 10.86 -1.08 26.76
N ILE B 261 11.56 -1.54 25.72
CA ILE B 261 12.80 -2.28 25.92
C ILE B 261 13.94 -1.52 25.26
N ASN B 262 14.99 -1.25 26.03
CA ASN B 262 16.21 -0.62 25.54
C ASN B 262 17.10 -1.70 24.89
N ILE B 263 17.33 -1.57 23.58
CA ILE B 263 18.23 -2.46 22.83
C ILE B 263 19.66 -2.06 23.14
N GLY B 264 19.85 -0.77 23.36
CA GLY B 264 21.13 -0.16 23.70
C GLY B 264 22.04 -0.13 22.51
N PRO B 265 23.21 0.51 22.67
CA PRO B 265 24.27 0.00 23.51
C PRO B 265 24.32 0.99 24.69
N GLY B 266 23.58 2.09 24.57
CA GLY B 266 23.55 3.16 25.58
C GLY B 266 22.27 3.24 26.40
N ASP B 267 22.24 4.19 27.33
CA ASP B 267 21.18 4.30 28.35
C ASP B 267 20.15 5.36 28.02
N CYS B 268 18.94 5.18 28.57
CA CYS B 268 17.88 6.17 28.53
C CYS B 268 17.52 6.60 29.93
N GLU B 269 17.22 7.88 30.09
CA GLU B 269 16.80 8.43 31.35
C GLU B 269 15.30 8.70 31.34
N TRP B 270 14.62 8.19 32.35
CA TRP B 270 13.17 8.23 32.44
C TRP B 270 12.74 9.11 33.63
N PHE B 271 11.66 9.85 33.42
CA PHE B 271 11.01 10.63 34.45
C PHE B 271 9.56 10.23 34.40
N ALA B 272 8.92 10.09 35.55
CA ALA B 272 7.54 9.66 35.59
C ALA B 272 6.83 10.21 36.83
N VAL B 273 5.52 10.42 36.69
CA VAL B 273 4.67 10.91 37.77
C VAL B 273 3.40 10.06 37.79
N HIS B 274 2.89 9.76 38.98
CA HIS B 274 1.69 8.93 39.11
C HIS B 274 0.48 9.60 38.46
N GLU B 275 -0.43 8.77 37.91
CA GLU B 275 -1.67 9.25 37.26
C GLU B 275 -2.47 10.21 38.15
N HIS B 276 -2.42 9.97 39.44
CA HIS B 276 -3.12 10.78 40.44
C HIS B 276 -2.87 12.29 40.25
N TYR B 277 -1.67 12.65 39.78
CA TYR B 277 -1.26 14.05 39.63
C TYR B 277 -1.50 14.67 38.24
N TRP B 278 -2.14 13.95 37.33
CA TRP B 278 -2.18 14.39 35.94
C TRP B 278 -2.86 15.75 35.74
N GLU B 279 -3.87 16.04 36.54
CA GLU B 279 -4.57 17.33 36.43
C GLU B 279 -3.69 18.51 36.82
N THR B 280 -2.77 18.30 37.75
CA THR B 280 -1.81 19.35 38.11
C THR B 280 -0.82 19.58 36.97
N ILE B 281 -0.35 18.50 36.34
CA ILE B 281 0.53 18.64 35.18
C ILE B 281 -0.20 19.37 34.06
N SER B 282 -1.44 18.98 33.80
CA SER B 282 -2.31 19.65 32.83
C SER B 282 -2.45 21.15 33.11
N ALA B 283 -2.68 21.50 34.38
CA ALA B 283 -2.81 22.89 34.77
C ALA B 283 -1.49 23.67 34.59
N PHE B 284 -0.36 23.02 34.81
CA PHE B 284 0.93 23.65 34.52
C PHE B 284 1.08 23.91 33.02
N CYS B 285 0.64 22.96 32.20
CA CYS B 285 0.70 23.12 30.75
C CYS B 285 -0.12 24.34 30.32
N ASP B 286 -1.35 24.44 30.85
N ASP B 286 -1.33 24.45 30.87
CA ASP B 286 -2.20 25.61 30.63
CA ASP B 286 -2.20 25.59 30.60
C ASP B 286 -1.49 26.89 31.04
C ASP B 286 -1.57 26.91 31.07
N ARG B 287 -0.97 26.89 32.26
CA ARG B 287 -0.28 28.03 32.82
C ARG B 287 0.94 28.46 32.00
N HIS B 288 1.56 27.51 31.30
CA HIS B 288 2.74 27.77 30.48
C HIS B 288 2.49 27.73 28.96
N GLY B 289 1.24 27.83 28.55
CA GLY B 289 0.88 28.08 27.15
C GLY B 289 1.01 26.90 26.21
N VAL B 290 0.88 25.68 26.73
CA VAL B 290 0.98 24.49 25.91
C VAL B 290 -0.19 23.56 26.19
N ASP B 291 -0.65 22.88 25.14
CA ASP B 291 -1.77 21.93 25.24
C ASP B 291 -1.31 20.63 25.89
N TYR B 292 -1.92 20.27 27.01
CA TYR B 292 -1.51 19.06 27.73
C TYR B 292 -1.67 17.79 26.89
N LEU B 293 -2.84 17.63 26.28
CA LEU B 293 -3.20 16.39 25.59
C LEU B 293 -2.47 16.17 24.26
N THR B 294 -2.20 17.24 23.52
CA THR B 294 -1.65 17.07 22.16
C THR B 294 -0.36 17.84 21.94
N GLY B 295 0.05 18.63 22.91
CA GLY B 295 1.18 19.53 22.75
C GLY B 295 2.48 18.85 23.10
N SER B 296 3.57 19.59 22.92
CA SER B 296 4.91 19.08 23.16
C SER B 296 5.52 19.90 24.30
N TRP B 297 5.70 19.24 25.44
CA TRP B 297 6.16 19.91 26.63
C TRP B 297 7.19 19.06 27.40
N TRP B 298 7.99 19.74 28.21
CA TRP B 298 9.02 19.14 29.02
C TRP B 298 8.89 19.78 30.41
N PRO B 299 8.46 19.02 31.43
CA PRO B 299 8.26 19.67 32.74
C PRO B 299 9.52 20.34 33.32
N ILE B 300 9.35 21.53 33.88
CA ILE B 300 10.36 22.11 34.73
C ILE B 300 10.25 21.37 36.06
N LEU B 301 11.30 20.63 36.43
CA LEU B 301 11.26 19.78 37.62
C LEU B 301 11.01 20.57 38.92
N ASP B 302 11.58 21.77 39.01
CA ASP B 302 11.40 22.63 40.19
C ASP B 302 9.94 23.02 40.42
N ASP B 303 9.19 23.18 39.33
CA ASP B 303 7.73 23.37 39.42
C ASP B 303 7.04 22.17 40.06
N LEU B 304 7.47 20.97 39.69
CA LEU B 304 6.88 19.75 40.26
C LEU B 304 7.29 19.58 41.73
N TYR B 305 8.57 19.82 42.03
CA TYR B 305 9.06 19.74 43.41
C TYR B 305 8.38 20.77 44.31
N ALA B 306 8.18 21.99 43.81
CA ALA B 306 7.51 23.05 44.56
C ALA B 306 6.08 22.69 44.86
N SER B 307 5.50 21.80 44.06
CA SER B 307 4.12 21.36 44.23
C SER B 307 4.02 20.02 44.96
N ASN B 308 5.13 19.54 45.53
CA ASN B 308 5.17 18.24 46.22
C ASN B 308 4.69 17.08 45.36
N ILE B 309 5.00 17.13 44.07
CA ILE B 309 4.70 16.05 43.16
C ILE B 309 5.91 15.12 43.11
N PRO B 310 5.76 13.87 43.57
CA PRO B 310 6.91 12.97 43.52
C PRO B 310 7.25 12.61 42.08
N VAL B 311 8.52 12.76 41.71
CA VAL B 311 8.98 12.42 40.37
C VAL B 311 9.93 11.22 40.43
N TYR B 312 9.52 10.13 39.80
CA TYR B 312 10.37 8.95 39.65
C TYR B 312 11.40 9.27 38.59
N ARG B 313 12.66 9.00 38.90
CA ARG B 313 13.78 9.23 37.98
C ARG B 313 14.63 7.98 37.98
N PHE B 314 14.90 7.42 36.81
CA PHE B 314 15.77 6.26 36.74
C PHE B 314 16.37 6.09 35.37
N VAL B 315 17.39 5.26 35.31
CA VAL B 315 18.10 4.98 34.08
C VAL B 315 17.71 3.60 33.60
N GLN B 316 17.35 3.50 32.33
CA GLN B 316 17.04 2.23 31.69
C GLN B 316 18.26 1.81 30.91
N ARG B 317 18.89 0.73 31.33
CA ARG B 317 20.10 0.21 30.69
C ARG B 317 19.74 -0.74 29.57
N PRO B 318 20.73 -1.11 28.73
CA PRO B 318 20.41 -2.06 27.67
C PRO B 318 19.90 -3.39 28.22
N GLY B 319 18.81 -3.90 27.65
CA GLY B 319 18.18 -5.12 28.14
C GLY B 319 17.11 -4.92 29.21
N ASP B 320 17.02 -3.70 29.76
CA ASP B 320 16.00 -3.41 30.77
C ASP B 320 14.66 -3.16 30.08
N LEU B 321 13.60 -3.70 30.67
CA LEU B 321 12.23 -3.44 30.23
C LEU B 321 11.63 -2.45 31.20
N VAL B 322 10.90 -1.47 30.65
CA VAL B 322 10.15 -0.53 31.45
C VAL B 322 8.68 -0.82 31.18
N TRP B 323 7.93 -1.03 32.26
CA TRP B 323 6.49 -1.18 32.19
C TRP B 323 5.89 0.11 32.72
N ILE B 324 5.15 0.81 31.87
CA ILE B 324 4.54 2.07 32.24
C ILE B 324 3.09 1.74 32.55
N ASN B 325 2.71 1.85 33.81
CA ASN B 325 1.37 1.46 34.24
C ASN B 325 0.33 2.48 33.75
N ALA B 326 -0.93 2.10 33.78
CA ALA B 326 -2.04 2.89 33.25
C ALA B 326 -2.07 4.34 33.73
N GLY B 327 -2.05 5.26 32.78
CA GLY B 327 -2.19 6.68 33.07
C GLY B 327 -0.98 7.40 33.62
N THR B 328 0.16 6.72 33.77
CA THR B 328 1.37 7.35 34.28
C THR B 328 1.91 8.40 33.33
N VAL B 329 2.19 9.60 33.85
CA VAL B 329 2.78 10.67 33.05
C VAL B 329 4.28 10.46 32.99
N HIS B 330 4.85 10.47 31.79
CA HIS B 330 6.26 10.19 31.66
C HIS B 330 6.92 10.91 30.48
N TRP B 331 8.23 11.07 30.57
CA TRP B 331 9.04 11.72 29.55
C TRP B 331 10.45 11.14 29.68
N VAL B 332 11.18 11.11 28.56
CA VAL B 332 12.36 10.27 28.39
C VAL B 332 13.42 11.01 27.57
N GLN B 333 14.68 10.81 27.91
CA GLN B 333 15.80 11.32 27.11
C GLN B 333 16.93 10.27 27.00
N ALA B 334 17.38 10.03 25.78
CA ALA B 334 18.55 9.20 25.55
C ALA B 334 19.77 9.91 26.13
N THR B 335 20.56 9.17 26.89
CA THR B 335 21.83 9.66 27.44
C THR B 335 22.99 9.14 26.62
N GLY B 336 22.80 8.01 25.96
CA GLY B 336 23.78 7.46 25.05
C GLY B 336 23.17 7.22 23.68
N TRP B 337 23.88 6.45 22.87
CA TRP B 337 23.43 6.02 21.56
C TRP B 337 22.73 4.69 21.75
N CYS B 338 21.44 4.63 21.42
CA CYS B 338 20.69 3.40 21.58
C CYS B 338 19.46 3.35 20.70
N ASN B 339 18.90 2.15 20.59
CA ASN B 339 17.58 1.94 20.02
C ASN B 339 16.64 1.47 21.12
N ASN B 340 15.35 1.81 20.99
CA ASN B 340 14.31 1.29 21.87
C ASN B 340 13.18 0.72 21.03
N ILE B 341 12.48 -0.29 21.55
CA ILE B 341 11.22 -0.73 20.96
C ILE B 341 10.12 -0.56 21.99
N ALA B 342 8.90 -0.28 21.54
CA ALA B 342 7.79 0.02 22.44
C ALA B 342 6.44 -0.30 21.81
N TRP B 343 5.46 -0.60 22.67
CA TRP B 343 4.10 -0.84 22.25
C TRP B 343 3.19 -0.71 23.46
N ASN B 344 1.89 -0.68 23.21
CA ASN B 344 0.89 -0.55 24.25
C ASN B 344 0.23 -1.89 24.53
N VAL B 345 -0.24 -2.04 25.77
CA VAL B 345 -1.05 -3.16 26.16
C VAL B 345 -2.15 -2.62 27.08
N GLY B 346 -3.32 -3.23 27.01
CA GLY B 346 -4.43 -2.88 27.88
C GLY B 346 -4.90 -4.09 28.66
N PRO B 347 -4.28 -4.35 29.81
CA PRO B 347 -4.72 -5.46 30.65
C PRO B 347 -6.20 -5.34 30.97
N LEU B 348 -6.91 -6.46 30.92
CA LEU B 348 -8.35 -6.47 31.23
C LEU B 348 -8.51 -6.44 32.74
N THR B 349 -8.39 -5.25 33.31
CA THR B 349 -8.59 -5.01 34.73
C THR B 349 -9.50 -3.80 34.91
N ALA B 350 -10.15 -3.74 36.06
CA ALA B 350 -11.08 -2.65 36.35
C ALA B 350 -10.35 -1.30 36.34
N TYR B 351 -9.12 -1.29 36.84
CA TYR B 351 -8.33 -0.08 36.94
C TYR B 351 -8.03 0.48 35.56
N GLN B 352 -7.49 -0.36 34.69
CA GLN B 352 -7.18 0.04 33.31
C GLN B 352 -8.43 0.51 32.56
N TYR B 353 -9.51 -0.23 32.69
CA TYR B 353 -10.72 0.08 31.94
C TYR B 353 -11.29 1.43 32.35
N GLN B 354 -11.39 1.65 33.66
CA GLN B 354 -11.88 2.91 34.20
C GLN B 354 -11.06 4.12 33.73
N LEU B 355 -9.74 3.99 33.75
CA LEU B 355 -8.85 5.07 33.31
C LEU B 355 -8.98 5.30 31.81
N ALA B 356 -9.18 4.22 31.05
CA ALA B 356 -9.36 4.34 29.61
C ALA B 356 -10.65 5.07 29.26
N LEU B 357 -11.72 4.74 29.97
CA LEU B 357 -13.01 5.39 29.74
C LEU B 357 -13.03 6.84 30.22
N GLU B 358 -12.38 7.12 31.35
CA GLU B 358 -12.24 8.50 31.81
C GLU B 358 -11.61 9.36 30.75
N ARG B 359 -10.51 8.89 30.17
CA ARG B 359 -9.80 9.64 29.13
C ARG B 359 -10.64 9.71 27.84
N TYR B 360 -11.30 8.62 27.49
CA TYR B 360 -12.23 8.62 26.37
C TYR B 360 -13.29 9.73 26.51
N GLU B 361 -13.84 9.88 27.71
CA GLU B 361 -14.80 10.96 27.98
C GLU B 361 -14.17 12.35 28.02
N TRP B 362 -12.99 12.48 28.64
CA TRP B 362 -12.30 13.76 28.69
C TRP B 362 -11.88 14.19 27.28
N ASN B 363 -11.35 13.25 26.50
CA ASN B 363 -11.05 13.49 25.08
C ASN B 363 -12.21 14.14 24.31
N GLU B 364 -13.40 13.60 24.49
CA GLU B 364 -14.59 14.16 23.84
C GLU B 364 -14.85 15.61 24.27
N VAL B 365 -14.69 15.90 25.56
CA VAL B 365 -14.85 17.27 26.06
C VAL B 365 -13.87 18.23 25.41
N LYS B 366 -12.68 17.76 25.10
CA LYS B 366 -11.61 18.59 24.54
C LYS B 366 -11.52 18.47 23.01
N ASN B 367 -12.45 17.74 22.40
CA ASN B 367 -12.46 17.49 20.97
C ASN B 367 -11.13 16.90 20.48
N VAL B 368 -10.66 15.90 21.21
CA VAL B 368 -9.43 15.21 20.87
C VAL B 368 -9.79 13.77 20.56
N LYS B 369 -9.27 13.26 19.45
CA LYS B 369 -9.56 11.91 19.00
C LYS B 369 -9.01 10.89 19.99
N SER B 370 -9.86 9.96 20.42
CA SER B 370 -9.40 8.78 21.13
C SER B 370 -8.94 7.77 20.09
N ILE B 371 -7.63 7.47 20.10
CA ILE B 371 -7.03 6.57 19.13
C ILE B 371 -7.52 5.15 19.38
N VAL B 372 -7.93 4.86 20.61
CA VAL B 372 -8.59 3.60 20.92
C VAL B 372 -10.12 3.80 20.95
N PRO B 373 -10.83 3.16 20.01
CA PRO B 373 -12.29 3.30 19.93
C PRO B 373 -12.97 2.45 20.99
N MET B 374 -13.16 3.04 22.18
CA MET B 374 -13.53 2.28 23.36
C MET B 374 -14.89 1.57 23.29
N ILE B 375 -15.87 2.16 22.62
CA ILE B 375 -17.19 1.51 22.49
C ILE B 375 -17.06 0.26 21.63
N HIS B 376 -16.54 0.44 20.42
CA HIS B 376 -16.20 -0.65 19.53
C HIS B 376 -15.41 -1.75 20.26
N VAL B 377 -14.40 -1.35 21.03
CA VAL B 377 -13.56 -2.31 21.75
C VAL B 377 -14.35 -3.03 22.83
N SER B 378 -15.22 -2.31 23.53
CA SER B 378 -16.00 -2.90 24.61
C SER B 378 -16.99 -3.98 24.10
N TRP B 379 -17.62 -3.71 22.96
CA TRP B 379 -18.50 -4.71 22.35
C TRP B 379 -17.74 -5.96 21.91
N ASN B 380 -16.55 -5.76 21.31
CA ASN B 380 -15.71 -6.89 20.89
C ASN B 380 -15.20 -7.73 22.04
N VAL B 381 -14.75 -7.06 23.09
CA VAL B 381 -14.35 -7.76 24.33
C VAL B 381 -15.53 -8.58 24.87
N ALA B 382 -16.69 -7.93 24.99
CA ALA B 382 -17.88 -8.58 25.53
C ALA B 382 -18.29 -9.86 24.82
N ARG B 383 -18.11 -9.92 23.50
CA ARG B 383 -18.50 -11.13 22.76
C ARG B 383 -17.39 -12.16 22.55
N THR B 384 -16.15 -11.86 22.93
CA THR B 384 -15.06 -12.81 22.71
C THR B 384 -14.22 -13.21 23.94
N VAL B 385 -14.30 -12.44 25.03
CA VAL B 385 -13.47 -12.69 26.22
C VAL B 385 -14.32 -12.91 27.47
N LYS B 386 -13.96 -13.91 28.25
CA LYS B 386 -14.62 -14.15 29.52
C LYS B 386 -14.03 -13.25 30.59
N ILE B 387 -14.88 -12.47 31.25
CA ILE B 387 -14.46 -11.53 32.28
C ILE B 387 -14.87 -12.05 33.66
N SER B 388 -13.89 -12.26 34.54
CA SER B 388 -14.17 -12.77 35.89
C SER B 388 -14.11 -11.70 36.99
N ASP B 389 -13.48 -10.56 36.69
CA ASP B 389 -13.39 -9.45 37.64
C ASP B 389 -14.77 -8.79 37.70
N PRO B 390 -15.43 -8.79 38.88
CA PRO B 390 -16.80 -8.27 38.90
C PRO B 390 -16.90 -6.77 38.66
N ASP B 391 -15.95 -5.99 39.19
CA ASP B 391 -15.91 -4.54 38.94
C ASP B 391 -15.75 -4.24 37.44
N LEU B 392 -14.85 -4.95 36.78
CA LEU B 392 -14.62 -4.75 35.34
C LEU B 392 -15.87 -5.11 34.56
N PHE B 393 -16.48 -6.24 34.93
CA PHE B 393 -17.68 -6.72 34.26
C PHE B 393 -18.81 -5.70 34.33
N LYS B 394 -19.04 -5.12 35.51
CA LYS B 394 -20.11 -4.14 35.69
C LYS B 394 -19.85 -2.86 34.92
N MET B 395 -18.59 -2.45 34.83
CA MET B 395 -18.24 -1.27 34.05
C MET B 395 -18.46 -1.50 32.57
N ILE B 396 -18.06 -2.67 32.06
CA ILE B 396 -18.21 -2.95 30.63
C ILE B 396 -19.70 -3.04 30.28
N LYS B 397 -20.45 -3.77 31.10
CA LYS B 397 -21.88 -3.96 30.93
C LYS B 397 -22.67 -2.64 30.93
N PHE B 398 -22.32 -1.74 31.84
CA PHE B 398 -22.93 -0.41 31.90
C PHE B 398 -22.63 0.41 30.63
N CYS B 399 -21.39 0.32 30.15
CA CYS B 399 -20.99 0.97 28.89
C CYS B 399 -21.78 0.39 27.70
N LEU B 400 -21.98 -0.93 27.71
CA LEU B 400 -22.76 -1.60 26.67
C LEU B 400 -24.22 -1.11 26.65
N LEU B 401 -24.82 -1.02 27.83
CA LEU B 401 -26.21 -0.56 28.01
C LEU B 401 -26.41 0.87 27.53
N GLN B 402 -25.48 1.75 27.88
CA GLN B 402 -25.51 3.15 27.46
C GLN B 402 -25.37 3.33 25.94
N SER B 403 -24.54 2.49 25.33
CA SER B 403 -24.37 2.44 23.87
C SER B 403 -25.68 2.00 23.19
N MET B 404 -26.31 0.95 23.73
CA MET B 404 -27.60 0.48 23.21
C MET B 404 -28.69 1.53 23.33
N LYS B 405 -28.73 2.21 24.47
CA LYS B 405 -29.71 3.25 24.72
C LYS B 405 -29.51 4.45 23.78
N HIS B 406 -28.26 4.81 23.55
CA HIS B 406 -27.94 5.92 22.66
C HIS B 406 -28.29 5.63 21.20
N CYS B 407 -27.98 4.42 20.73
CA CYS B 407 -28.39 3.98 19.39
C CYS B 407 -29.90 3.98 19.24
N GLN B 408 -30.60 3.59 20.30
CA GLN B 408 -32.07 3.53 20.32
C GLN B 408 -32.67 4.94 20.19
N VAL B 409 -32.13 5.88 20.97
CA VAL B 409 -32.55 7.28 20.90
C VAL B 409 -32.37 7.84 19.48
N GLN B 410 -31.22 7.57 18.86
CA GLN B 410 -30.94 8.02 17.49
C GLN B 410 -31.92 7.45 16.47
N ARG B 411 -32.16 6.14 16.52
CA ARG B 411 -33.07 5.49 15.57
C ARG B 411 -34.48 6.05 15.68
N GLU B 412 -34.94 6.21 16.92
CA GLU B 412 -36.27 6.72 17.22
C GLU B 412 -36.47 8.13 16.71
N SER B 413 -35.47 9.00 16.94
CA SER B 413 -35.57 10.38 16.47
C SER B 413 -35.48 10.47 14.94
N LEU B 414 -34.66 9.62 14.32
CA LEU B 414 -34.57 9.59 12.85
C LEU B 414 -35.88 9.15 12.19
N VAL B 415 -36.52 8.16 12.79
CA VAL B 415 -37.79 7.65 12.28
C VAL B 415 -38.92 8.65 12.50
N ARG B 416 -38.94 9.34 13.65
CA ARG B 416 -39.88 10.45 13.84
C ARG B 416 -39.69 11.52 12.77
N ALA B 417 -38.44 11.82 12.43
CA ALA B 417 -38.12 12.79 11.38
C ALA B 417 -38.58 12.36 9.99
N GLY B 418 -38.71 11.05 9.78
CA GLY B 418 -39.06 10.50 8.46
C GLY B 418 -37.83 10.12 7.64
N LYS B 419 -36.71 9.90 8.32
CA LYS B 419 -35.46 9.59 7.67
C LYS B 419 -35.21 8.09 7.67
N LYS B 420 -34.83 7.56 6.51
CA LYS B 420 -34.56 6.14 6.35
C LYS B 420 -33.16 5.77 6.82
N ILE B 421 -33.05 4.58 7.40
CA ILE B 421 -31.79 4.02 7.79
C ILE B 421 -31.60 2.72 7.02
N ALA B 422 -30.47 2.57 6.34
CA ALA B 422 -30.18 1.35 5.59
C ALA B 422 -29.26 0.48 6.43
N TYR B 423 -29.45 -0.83 6.35
CA TYR B 423 -28.53 -1.74 7.03
C TYR B 423 -27.30 -1.97 6.17
N GLN B 424 -26.13 -1.62 6.73
CA GLN B 424 -24.87 -1.78 6.03
C GLN B 424 -24.17 -3.09 6.42
N GLY B 425 -24.18 -3.41 7.70
CA GLY B 425 -23.46 -4.58 8.20
C GLY B 425 -22.00 -4.23 8.45
N ARG B 426 -21.23 -5.23 8.87
CA ARG B 426 -19.80 -5.08 9.12
C ARG B 426 -19.05 -6.08 8.24
N VAL B 427 -17.89 -5.69 7.73
CA VAL B 427 -17.02 -6.62 6.99
C VAL B 427 -15.77 -6.94 7.81
N LYS B 428 -14.98 -7.88 7.32
CA LYS B 428 -13.79 -8.35 8.03
C LYS B 428 -12.71 -7.28 7.98
N ASP B 429 -12.02 -7.08 9.10
CA ASP B 429 -10.90 -6.11 9.21
C ASP B 429 -11.34 -4.64 9.05
N GLU B 430 -12.65 -4.38 9.10
CA GLU B 430 -13.17 -3.02 8.94
C GLU B 430 -12.80 -2.15 10.14
N PRO B 431 -12.37 -0.90 9.90
CA PRO B 431 -12.03 -0.03 11.02
C PRO B 431 -13.24 0.43 11.83
N ALA B 432 -12.97 1.10 12.94
CA ALA B 432 -13.99 1.86 13.67
C ALA B 432 -14.01 3.25 13.03
N TYR B 433 -15.16 3.90 13.06
CA TYR B 433 -15.34 5.18 12.35
C TYR B 433 -15.35 6.35 13.30
N TYR B 434 -14.81 7.48 12.82
CA TYR B 434 -14.77 8.72 13.56
C TYR B 434 -15.40 9.86 12.77
N CYS B 435 -15.88 10.88 13.46
CA CYS B 435 -16.51 12.02 12.80
C CYS B 435 -15.46 12.91 12.16
N ASN B 436 -15.68 13.23 10.88
CA ASN B 436 -14.78 14.07 10.10
C ASN B 436 -14.48 15.43 10.75
N GLU B 437 -15.50 16.05 11.35
CA GLU B 437 -15.37 17.42 11.87
C GLU B 437 -14.84 17.50 13.31
N CYS B 438 -15.34 16.64 14.19
CA CYS B 438 -15.06 16.73 15.63
C CYS B 438 -14.30 15.54 16.22
N ASP B 439 -14.05 14.52 15.40
CA ASP B 439 -13.20 13.36 15.74
C ASP B 439 -13.75 12.34 16.77
N VAL B 440 -14.98 12.53 17.27
CA VAL B 440 -15.59 11.54 18.16
C VAL B 440 -15.78 10.19 17.44
N GLU B 441 -15.72 9.12 18.21
CA GLU B 441 -16.04 7.79 17.69
C GLU B 441 -17.51 7.78 17.30
N VAL B 442 -17.81 7.29 16.11
CA VAL B 442 -19.19 7.13 15.66
C VAL B 442 -19.47 5.63 15.51
N PHE B 443 -20.22 5.10 16.47
CA PHE B 443 -20.46 3.66 16.57
C PHE B 443 -21.86 3.33 16.08
N ASN B 444 -21.95 2.32 15.23
CA ASN B 444 -23.20 1.74 14.72
C ASN B 444 -23.95 2.63 13.72
N ILE B 445 -24.56 3.70 14.20
CA ILE B 445 -25.33 4.58 13.32
C ILE B 445 -24.37 5.59 12.69
N LEU B 446 -24.13 5.43 11.39
CA LEU B 446 -23.22 6.28 10.64
C LEU B 446 -24.00 7.26 9.76
N PHE B 447 -23.61 8.53 9.79
CA PHE B 447 -24.19 9.55 8.95
C PHE B 447 -23.18 9.86 7.87
N VAL B 448 -23.47 9.43 6.64
CA VAL B 448 -22.49 9.43 5.56
C VAL B 448 -22.86 10.44 4.47
N THR B 449 -21.84 11.10 3.93
CA THR B 449 -22.00 12.00 2.78
C THR B 449 -20.99 11.63 1.68
N SER B 450 -21.31 12.01 0.44
CA SER B 450 -20.46 11.73 -0.72
C SER B 450 -19.49 12.88 -0.96
N ASN B 456 -14.89 11.53 -5.95
CA ASN B 456 -15.91 11.13 -4.99
C ASN B 456 -15.33 10.35 -3.81
N THR B 457 -15.49 10.89 -2.60
CA THR B 457 -15.10 10.20 -1.37
C THR B 457 -16.23 10.24 -0.35
N TYR B 458 -16.32 9.20 0.48
CA TYR B 458 -17.36 9.09 1.50
C TYR B 458 -16.82 9.50 2.86
N LEU B 459 -17.45 10.49 3.50
CA LEU B 459 -17.09 10.91 4.85
C LEU B 459 -18.14 10.40 5.85
N VAL B 460 -17.68 10.04 7.05
CA VAL B 460 -18.58 9.70 8.17
C VAL B 460 -18.67 10.90 9.11
N HIS B 461 -19.88 11.24 9.53
CA HIS B 461 -20.09 12.25 10.55
C HIS B 461 -20.91 11.67 11.69
N CYS B 462 -20.82 12.31 12.86
CA CYS B 462 -21.69 12.01 14.00
C CYS B 462 -23.05 12.70 13.79
N GLU B 463 -24.03 12.37 14.64
CA GLU B 463 -25.40 12.90 14.53
C GLU B 463 -25.44 14.42 14.66
N GLY B 464 -24.67 14.94 15.60
CA GLY B 464 -24.59 16.38 15.85
C GLY B 464 -24.07 17.16 14.67
N CYS B 465 -22.93 16.73 14.11
CA CYS B 465 -22.31 17.42 12.98
C CYS B 465 -23.12 17.23 11.68
N ALA B 466 -23.79 16.08 11.55
CA ALA B 466 -24.73 15.84 10.44
C ALA B 466 -25.92 16.84 10.48
N ARG B 467 -26.56 16.96 11.65
CA ARG B 467 -27.68 17.88 11.83
C ARG B 467 -27.30 19.36 11.64
N ARG B 468 -26.04 19.70 11.92
CA ARG B 468 -25.53 21.07 11.77
C ARG B 468 -25.36 21.51 10.33
N ARG B 469 -25.27 20.56 9.40
CA ARG B 469 -25.14 20.87 7.98
C ARG B 469 -26.23 21.86 7.55
N SER B 470 -25.89 22.72 6.60
CA SER B 470 -26.81 23.76 6.13
C SER B 470 -28.16 23.19 5.65
N ALA B 471 -28.12 22.06 4.96
CA ALA B 471 -29.35 21.38 4.49
C ALA B 471 -29.83 20.26 5.45
N GLY B 472 -29.41 20.30 6.71
CA GLY B 472 -29.80 19.29 7.68
C GLY B 472 -29.33 17.91 7.24
N LEU B 473 -30.26 16.96 7.15
CA LEU B 473 -29.94 15.59 6.75
C LEU B 473 -30.23 15.30 5.27
N GLN B 474 -30.54 16.34 4.48
CA GLN B 474 -30.67 16.18 3.04
C GLN B 474 -29.31 15.84 2.44
N GLY B 475 -29.26 14.81 1.59
CA GLY B 475 -28.02 14.37 0.98
C GLY B 475 -27.12 13.57 1.91
N VAL B 476 -27.59 13.31 3.14
CA VAL B 476 -26.89 12.46 4.09
C VAL B 476 -27.56 11.09 4.09
N VAL B 477 -26.76 10.05 3.85
CA VAL B 477 -27.25 8.69 3.91
C VAL B 477 -26.91 8.15 5.30
N VAL B 478 -27.92 7.63 6.00
CA VAL B 478 -27.72 7.07 7.33
C VAL B 478 -27.66 5.54 7.26
N LEU B 479 -26.63 4.96 7.88
CA LEU B 479 -26.42 3.52 7.84
C LEU B 479 -26.42 2.92 9.24
N GLU B 480 -26.86 1.67 9.33
CA GLU B 480 -26.88 0.93 10.58
C GLU B 480 -25.95 -0.26 10.38
N GLN B 481 -24.96 -0.41 11.27
CA GLN B 481 -24.03 -1.53 11.17
C GLN B 481 -24.41 -2.73 12.05
N TYR B 482 -25.18 -2.48 13.12
CA TYR B 482 -25.67 -3.53 14.02
C TYR B 482 -27.14 -3.27 14.32
N ARG B 483 -28.00 -4.25 14.08
CA ARG B 483 -29.42 -4.13 14.40
C ARG B 483 -29.62 -4.19 15.92
N THR B 484 -30.72 -3.60 16.40
CA THR B 484 -31.06 -3.63 17.82
C THR B 484 -30.90 -5.02 18.43
N GLU B 485 -31.40 -6.03 17.71
CA GLU B 485 -31.35 -7.41 18.18
C GLU B 485 -29.93 -7.96 18.26
N GLU B 486 -29.05 -7.54 17.35
CA GLU B 486 -27.64 -7.97 17.40
C GLU B 486 -26.99 -7.52 18.71
N LEU B 487 -27.23 -6.26 19.08
CA LEU B 487 -26.68 -5.71 20.32
C LEU B 487 -27.38 -6.31 21.54
N ALA B 488 -28.71 -6.44 21.51
CA ALA B 488 -29.46 -7.06 22.62
C ALA B 488 -28.97 -8.49 22.89
N GLN B 489 -28.76 -9.27 21.83
CA GLN B 489 -28.31 -10.65 21.98
C GLN B 489 -26.84 -10.77 22.46
N ALA B 490 -25.97 -9.88 21.98
CA ALA B 490 -24.58 -9.85 22.47
C ALA B 490 -24.57 -9.44 23.95
N TYR B 491 -25.33 -8.40 24.27
CA TYR B 491 -25.53 -7.95 25.64
C TYR B 491 -25.96 -9.07 26.61
N ASP B 492 -27.01 -9.80 26.25
CA ASP B 492 -27.52 -10.89 27.11
C ASP B 492 -26.54 -12.03 27.24
N ALA B 493 -25.77 -12.30 26.19
CA ALA B 493 -24.76 -13.36 26.22
C ALA B 493 -23.54 -13.02 27.09
N PHE B 494 -23.34 -11.73 27.38
CA PHE B 494 -22.21 -11.26 28.17
C PHE B 494 -22.48 -11.48 29.67
N THR B 495 -21.88 -12.53 30.22
CA THR B 495 -22.12 -12.95 31.61
C THR B 495 -20.80 -13.03 32.38
N LEU B 496 -20.87 -12.86 33.70
CA LEU B 496 -19.67 -12.81 34.54
C LEU B 496 -19.12 -14.23 34.75
N ALA B 497 -17.88 -14.45 34.32
CA ALA B 497 -17.22 -15.73 34.52
C ALA B 497 -16.79 -15.89 36.00
N PRO B 498 -16.54 -17.13 36.44
CA PRO B 498 -15.99 -17.34 37.78
C PRO B 498 -14.49 -17.04 37.83
ZN ZN C . 20.47 -14.85 -19.36
S SO4 D . -3.34 -11.15 -6.39
O1 SO4 D . -4.72 -11.35 -6.80
O2 SO4 D . -3.23 -9.91 -5.62
O3 SO4 D . -2.47 -11.08 -7.56
O4 SO4 D . -2.92 -12.27 -5.55
FE FE E . -5.84 -6.73 -24.44
C1 AKG F . -7.15 -4.85 -25.86
O1 AKG F . -6.44 -4.87 -24.83
O2 AKG F . -7.59 -3.72 -26.36
C2 AKG F . -7.54 -6.13 -26.56
O5 AKG F . -6.98 -7.14 -26.21
C3 AKG F . -8.61 -6.22 -27.66
C4 AKG F . -8.05 -6.17 -29.05
C5 AKG F . -9.21 -6.25 -30.02
O3 AKG F . -9.38 -7.42 -30.63
O4 AKG F . -9.98 -5.30 -30.26
ZN ZN G . -19.04 15.33 14.99
S SO4 H . -18.87 3.29 5.29
O1 SO4 H . -19.37 4.58 5.77
O2 SO4 H . -19.46 2.98 3.98
O3 SO4 H . -17.41 3.36 5.15
O4 SO4 H . -19.22 2.25 6.25
FE FE I . 5.06 6.68 26.35
C1 AKG J . 6.98 4.88 25.87
O1 AKG J . 5.82 4.83 26.33
O2 AKG J . 7.63 3.77 25.58
C2 AKG J . 7.67 6.19 25.62
O5 AKG J . 7.00 7.17 25.62
C3 AKG J . 9.20 6.33 25.40
C4 AKG J . 9.63 6.45 23.96
C5 AKG J . 11.15 6.43 23.89
O3 AKG J . 11.74 7.61 23.70
O4 AKG J . 11.82 5.39 23.98
#